data_1J8H
#
_entry.id   1J8H
#
_cell.length_a   143.753
_cell.length_b   73.317
_cell.length_c   123.033
_cell.angle_alpha   90.00
_cell.angle_beta   108.52
_cell.angle_gamma   90.00
#
_symmetry.space_group_name_H-M   'C 1 2 1'
#
loop_
_entity.id
_entity.type
_entity.pdbx_description
1 polymer 'HLA CLASS II HISTOCOMPATIBILITY ANTIGEN, DR ALPHA CHAIN'
2 polymer 'HLA CLASS II HISTOCOMPATIBILITY ANTIGEN, DR-4 BETA CHAIN'
3 polymer 'HEMAGGLUTININ HA1 PEPTIDE CHAIN'
4 polymer 'T-CELL RECEPTOR ALPHA CHAIN'
5 polymer 'T-CELL RECEPTOR BETA CHAIN'
6 branched 2-acetamido-2-deoxy-alpha-D-glucopyranose-(1-4)-2-acetamido-2-deoxy-beta-D-glucopyranose
7 non-polymer 2-acetamido-2-deoxy-beta-D-glucopyranose
8 water water
#
loop_
_entity_poly.entity_id
_entity_poly.type
_entity_poly.pdbx_seq_one_letter_code
_entity_poly.pdbx_strand_id
1 'polypeptide(L)'
;IKEEHVIIQAEFYLNPDQSGEFMFDFDGDEIFHVDMAKKETVWRLEEFGRFASFEAQGALANIAVDKANLEIMTKRSNYT
PITNVPPEVTVLTNSPVELREPNVLICFIDKFTPPVVNVTWLRNGKPVTTGVSETVFLPREDHLFRKFHYLPFLPSTEDV
YDCRVEHWGLDEPLLKHWEFD
;
A
2 'polypeptide(L)'
;GDTRPRFLEQVKHECHFFNGTERVRFLDRYFYHQEEYVRFDSDVGEYRAVTELGRPDAEYWNSQKDLLEQKRAAVDTYCR
HNYGVGESFTVQRRVYPEVTVYPAKTQPLQHHNLLVCSVNGFYPGSIEVRWFRNGQEEKTGVVSTGLIQNGDWTFQTLVM
LETVPRSGEVYTCQVEHPSVTSPLTVEWRARS
;
B
3 'polypeptide(L)' PKYVKQNTLKLAT C
4 'polypeptide(L)'
;QSVTQLGSHVSVSEGALVLLRCNYSSSVPPYLFWYVQYPNQGLQLLLKYTSAATLVKGINGFEAEFKKSETSFHLTKPSA
HMSDAAEYFCAVSESPFGNEKLTFGTGTRLTIIPNIQNPDPAVYQLRDSKSSDKSVCLFTDFDSQTNVSQSKDSDVYITD
KTVLDMRSMDFKSNSAVAWSNKSDFACANAFNNSIIPEDTFFPSPESSCDVK
;
D
5 'polypeptide(L)'
;VKVTQSSRYLVKRTGEKVFLECVQDMDHENMFWYRQDPGLGLRLIYFSYDVKMKEKGDIPEGYSVSREKKERFSLILESA
STNQTSMYLCASSSTGLPYGYTFGSGTRLTVVEDLNKVFPPEVAVFEPSEAEISHTQKATLVCLATGFFPDHVELSWWVN
GKEVHSGVSTDPQPLKEQPALNDSRYSLSSRLRVSATFWQNPRNHFRCQVQFYGLSENDEWTQDRAKPVTQIVSAEAWGR
ADCGFT
;
E
#
loop_
_chem_comp.id
_chem_comp.type
_chem_comp.name
_chem_comp.formula
NAG D-saccharide, beta linking 2-acetamido-2-deoxy-beta-D-glucopyranose 'C8 H15 N O6'
NDG D-saccharide, alpha linking 2-acetamido-2-deoxy-alpha-D-glucopyranose 'C8 H15 N O6'
#
# COMPACT_ATOMS: atom_id res chain seq x y z
N LYS A 2 11.96 15.02 -33.09
CA LYS A 2 11.45 13.77 -33.73
C LYS A 2 10.88 12.81 -32.68
N GLU A 3 9.58 12.97 -32.39
CA GLU A 3 8.87 12.15 -31.39
C GLU A 3 8.38 10.81 -31.97
N GLU A 4 8.17 9.82 -31.11
CA GLU A 4 7.69 8.52 -31.58
C GLU A 4 6.43 7.96 -30.88
N HIS A 5 6.43 7.89 -29.55
CA HIS A 5 5.25 7.40 -28.83
C HIS A 5 5.01 8.15 -27.54
N VAL A 6 3.78 8.12 -27.07
CA VAL A 6 3.42 8.81 -25.84
C VAL A 6 2.40 8.05 -25.04
N ILE A 7 2.68 7.89 -23.75
CA ILE A 7 1.77 7.20 -22.87
C ILE A 7 1.31 8.20 -21.84
N ILE A 8 0.00 8.30 -21.66
CA ILE A 8 -0.51 9.23 -20.69
C ILE A 8 -1.50 8.61 -19.71
N GLN A 9 -1.27 8.89 -18.44
CA GLN A 9 -2.15 8.43 -17.38
C GLN A 9 -2.88 9.73 -17.05
N ALA A 10 -4.14 9.82 -17.47
CA ALA A 10 -4.92 11.04 -17.24
C ALA A 10 -6.03 10.82 -16.22
N GLU A 11 -6.24 11.81 -15.37
CA GLU A 11 -7.27 11.73 -14.35
C GLU A 11 -7.91 13.07 -14.11
N PHE A 12 -9.13 13.03 -13.60
CA PHE A 12 -9.85 14.24 -13.28
C PHE A 12 -10.94 14.02 -12.22
N TYR A 13 -11.31 15.10 -11.55
CA TYR A 13 -12.37 15.06 -10.56
C TYR A 13 -13.15 16.35 -10.73
N LEU A 14 -14.47 16.24 -10.68
CA LEU A 14 -15.31 17.40 -10.89
C LEU A 14 -16.36 17.61 -9.83
N ASN A 15 -16.42 18.83 -9.30
CA ASN A 15 -17.44 19.16 -8.31
C ASN A 15 -18.39 20.12 -9.03
N PRO A 16 -19.68 20.11 -8.69
CA PRO A 16 -20.42 19.33 -7.69
C PRO A 16 -20.80 17.90 -8.10
N ASP A 17 -20.58 17.55 -9.36
CA ASP A 17 -20.96 16.23 -9.86
C ASP A 17 -20.35 15.04 -9.12
N GLN A 18 -19.22 15.26 -8.45
CA GLN A 18 -18.55 14.17 -7.76
C GLN A 18 -18.29 13.05 -8.75
N SER A 19 -17.65 13.39 -9.87
CA SER A 19 -17.32 12.39 -10.87
C SER A 19 -15.82 12.44 -11.12
N GLY A 20 -15.20 11.28 -11.12
CA GLY A 20 -13.76 11.20 -11.35
C GLY A 20 -13.46 10.19 -12.43
N GLU A 21 -12.30 10.31 -13.06
CA GLU A 21 -11.93 9.41 -14.12
C GLU A 21 -10.45 9.10 -14.08
N PHE A 22 -10.11 7.86 -14.42
CA PHE A 22 -8.72 7.42 -14.43
C PHE A 22 -8.47 6.54 -15.65
N MET A 23 -7.57 6.96 -16.51
CA MET A 23 -7.29 6.16 -17.69
C MET A 23 -5.89 6.32 -18.27
N PHE A 24 -5.52 5.34 -19.07
CA PHE A 24 -4.23 5.34 -19.73
C PHE A 24 -4.46 5.56 -21.22
N ASP A 25 -3.59 6.35 -21.82
CA ASP A 25 -3.70 6.65 -23.23
C ASP A 25 -2.36 6.40 -23.94
N PHE A 26 -2.43 5.83 -25.14
CA PHE A 26 -1.25 5.54 -25.98
C PHE A 26 -1.50 6.20 -27.33
N ASP A 27 -0.67 7.19 -27.66
CA ASP A 27 -0.78 7.91 -28.93
C ASP A 27 -2.21 8.29 -29.30
N GLY A 28 -2.99 8.77 -28.33
CA GLY A 28 -4.35 9.17 -28.64
C GLY A 28 -5.45 8.15 -28.41
N ASP A 29 -5.11 6.88 -28.30
CA ASP A 29 -6.13 5.88 -28.05
C ASP A 29 -6.11 5.43 -26.59
N GLU A 30 -7.28 5.04 -26.09
CA GLU A 30 -7.41 4.59 -24.71
C GLU A 30 -6.98 3.14 -24.58
N ILE A 31 -6.10 2.86 -23.61
CA ILE A 31 -5.66 1.49 -23.39
C ILE A 31 -6.67 0.90 -22.43
N PHE A 32 -6.97 1.64 -21.38
CA PHE A 32 -7.94 1.20 -20.39
C PHE A 32 -8.30 2.35 -19.48
N HIS A 33 -9.33 2.14 -18.67
CA HIS A 33 -9.73 3.13 -17.70
C HIS A 33 -10.25 2.29 -16.55
N VAL A 34 -10.40 2.89 -15.39
CA VAL A 34 -10.89 2.14 -14.25
C VAL A 34 -12.32 2.56 -13.94
N ASP A 35 -13.18 1.57 -13.78
CA ASP A 35 -14.57 1.88 -13.44
C ASP A 35 -14.51 2.10 -11.94
N MET A 36 -14.63 3.35 -11.50
CA MET A 36 -14.57 3.66 -10.08
C MET A 36 -15.61 2.93 -9.25
N ALA A 37 -16.82 2.80 -9.78
CA ALA A 37 -17.92 2.12 -9.08
C ALA A 37 -17.67 0.64 -8.82
N LYS A 38 -17.47 -0.15 -9.87
CA LYS A 38 -17.23 -1.59 -9.73
C LYS A 38 -15.78 -1.88 -9.30
N LYS A 39 -14.98 -0.83 -9.18
CA LYS A 39 -13.57 -0.96 -8.80
C LYS A 39 -12.75 -1.92 -9.66
N GLU A 40 -12.94 -1.89 -10.97
CA GLU A 40 -12.18 -2.78 -11.86
C GLU A 40 -11.69 -2.10 -13.13
N THR A 41 -10.69 -2.73 -13.75
CA THR A 41 -10.07 -2.22 -14.96
C THR A 41 -10.88 -2.66 -16.19
N VAL A 42 -11.25 -1.71 -17.03
CA VAL A 42 -12.00 -2.00 -18.25
C VAL A 42 -11.09 -1.76 -19.45
N TRP A 43 -10.64 -2.82 -20.11
CA TRP A 43 -9.75 -2.67 -21.26
C TRP A 43 -10.52 -2.17 -22.49
N ARG A 44 -9.91 -1.29 -23.27
CA ARG A 44 -10.54 -0.75 -24.48
C ARG A 44 -10.80 -1.85 -25.50
N LEU A 45 -9.89 -2.80 -25.57
CA LEU A 45 -10.05 -3.94 -26.47
C LEU A 45 -9.86 -5.17 -25.61
N GLU A 46 -10.85 -6.06 -25.62
CA GLU A 46 -10.77 -7.27 -24.82
C GLU A 46 -9.36 -7.88 -24.86
N GLU A 47 -8.83 -8.04 -26.07
CA GLU A 47 -7.50 -8.62 -26.25
C GLU A 47 -6.44 -8.05 -25.30
N PHE A 48 -6.41 -6.73 -25.14
CA PHE A 48 -5.42 -6.10 -24.25
C PHE A 48 -5.41 -6.78 -22.87
N GLY A 49 -6.59 -6.94 -22.29
CA GLY A 49 -6.72 -7.54 -20.98
C GLY A 49 -6.25 -8.97 -20.85
N ARG A 50 -5.82 -9.55 -21.97
CA ARG A 50 -5.36 -10.94 -21.95
C ARG A 50 -3.86 -10.99 -21.75
N PHE A 51 -3.20 -9.88 -22.02
CA PHE A 51 -1.74 -9.83 -21.90
C PHE A 51 -1.24 -8.92 -20.79
N ALA A 52 -2.09 -8.02 -20.32
CA ALA A 52 -1.67 -7.11 -19.27
C ALA A 52 -2.70 -7.01 -18.16
N SER A 53 -2.31 -6.36 -17.08
CA SER A 53 -3.20 -6.16 -15.95
C SER A 53 -2.81 -4.87 -15.27
N PHE A 54 -3.72 -4.35 -14.46
CA PHE A 54 -3.50 -3.12 -13.70
C PHE A 54 -4.26 -3.20 -12.38
N GLU A 55 -3.62 -2.79 -11.29
CA GLU A 55 -4.26 -2.81 -9.96
C GLU A 55 -5.28 -1.68 -9.85
N ALA A 56 -6.51 -1.97 -10.25
CA ALA A 56 -7.59 -0.98 -10.24
C ALA A 56 -7.76 -0.14 -8.97
N GLN A 57 -7.60 -0.76 -7.81
CA GLN A 57 -7.74 -0.07 -6.53
C GLN A 57 -6.86 1.17 -6.48
N GLY A 58 -5.70 1.09 -7.13
CA GLY A 58 -4.79 2.22 -7.12
C GLY A 58 -5.42 3.47 -7.68
N ALA A 59 -6.26 3.31 -8.69
CA ALA A 59 -6.93 4.44 -9.31
C ALA A 59 -7.74 5.20 -8.26
N LEU A 60 -8.36 4.45 -7.35
CA LEU A 60 -9.16 5.06 -6.30
C LEU A 60 -8.28 5.89 -5.37
N ALA A 61 -7.06 5.42 -5.12
CA ALA A 61 -6.17 6.19 -4.24
C ALA A 61 -5.79 7.51 -4.89
N ASN A 62 -5.49 7.52 -6.19
CA ASN A 62 -5.13 8.78 -6.85
C ASN A 62 -6.34 9.71 -6.91
N ILE A 63 -7.50 9.13 -7.17
CA ILE A 63 -8.73 9.91 -7.26
C ILE A 63 -9.04 10.59 -5.95
N ALA A 64 -8.86 9.87 -4.84
CA ALA A 64 -9.12 10.47 -3.53
C ALA A 64 -8.22 11.68 -3.30
N VAL A 65 -7.00 11.65 -3.83
CA VAL A 65 -6.09 12.78 -3.68
C VAL A 65 -6.54 13.93 -4.56
N ASP A 66 -7.10 13.59 -5.72
CA ASP A 66 -7.56 14.63 -6.63
C ASP A 66 -8.75 15.37 -6.02
N LYS A 67 -9.57 14.66 -5.23
CA LYS A 67 -10.72 15.29 -4.59
C LYS A 67 -10.16 16.33 -3.64
N ALA A 68 -9.25 15.88 -2.78
CA ALA A 68 -8.64 16.79 -1.80
C ALA A 68 -7.95 17.95 -2.52
N ASN A 69 -7.33 17.65 -3.65
CA ASN A 69 -6.63 18.68 -4.41
C ASN A 69 -7.59 19.68 -5.04
N LEU A 70 -8.74 19.20 -5.50
CA LEU A 70 -9.74 20.06 -6.10
C LEU A 70 -10.21 21.08 -5.08
N GLU A 71 -10.55 20.59 -3.89
CA GLU A 71 -11.00 21.48 -2.82
C GLU A 71 -9.91 22.50 -2.56
N ILE A 72 -8.66 22.04 -2.46
CA ILE A 72 -7.56 22.96 -2.21
C ILE A 72 -7.43 24.01 -3.31
N MET A 73 -7.55 23.59 -4.56
CA MET A 73 -7.43 24.52 -5.67
C MET A 73 -8.65 25.43 -5.79
N THR A 74 -9.85 24.88 -5.54
CA THR A 74 -11.05 25.70 -5.63
C THR A 74 -10.88 26.92 -4.71
N LYS A 75 -10.39 26.69 -3.49
CA LYS A 75 -10.19 27.78 -2.53
C LYS A 75 -9.06 28.71 -2.94
N ARG A 76 -7.96 28.16 -3.46
CA ARG A 76 -6.85 29.00 -3.85
C ARG A 76 -7.26 29.99 -4.93
N SER A 77 -8.12 29.55 -5.84
CA SER A 77 -8.58 30.44 -6.93
C SER A 77 -9.76 31.32 -6.56
N ASN A 78 -10.11 31.32 -5.27
CA ASN A 78 -11.25 32.13 -4.80
C ASN A 78 -12.53 31.73 -5.49
N TYR A 79 -12.77 30.41 -5.55
CA TYR A 79 -13.97 29.86 -6.15
C TYR A 79 -14.26 30.32 -7.56
N THR A 80 -13.23 30.34 -8.40
CA THR A 80 -13.37 30.72 -9.79
C THR A 80 -13.84 29.47 -10.53
N PRO A 81 -15.07 29.50 -11.05
CA PRO A 81 -15.68 28.38 -11.77
C PRO A 81 -15.05 28.13 -13.14
N ILE A 82 -15.31 26.97 -13.69
CA ILE A 82 -14.78 26.63 -15.00
C ILE A 82 -15.65 27.33 -16.04
N THR A 83 -15.07 27.64 -17.19
CA THR A 83 -15.83 28.27 -18.25
C THR A 83 -16.29 27.20 -19.22
N ASN A 84 -17.59 27.09 -19.42
CA ASN A 84 -18.11 26.08 -20.35
C ASN A 84 -17.61 26.32 -21.77
N VAL A 85 -17.16 25.24 -22.41
CA VAL A 85 -16.71 25.30 -23.80
C VAL A 85 -17.59 24.26 -24.48
N PRO A 86 -18.46 24.68 -25.40
CA PRO A 86 -19.36 23.79 -26.12
C PRO A 86 -18.63 22.81 -27.00
N PRO A 87 -19.24 21.66 -27.28
CA PRO A 87 -18.63 20.64 -28.13
C PRO A 87 -18.83 20.96 -29.61
N GLU A 88 -18.02 20.31 -30.43
CA GLU A 88 -18.07 20.38 -31.88
C GLU A 88 -18.52 18.94 -32.12
N VAL A 89 -19.61 18.72 -32.85
CA VAL A 89 -20.07 17.34 -33.06
C VAL A 89 -20.04 16.89 -34.53
N THR A 90 -19.65 15.64 -34.73
CA THR A 90 -19.54 15.08 -36.07
C THR A 90 -20.05 13.65 -36.13
N VAL A 91 -20.76 13.32 -37.20
CA VAL A 91 -21.28 11.97 -37.37
C VAL A 91 -20.75 11.39 -38.67
N LEU A 92 -20.27 10.16 -38.63
CA LEU A 92 -19.74 9.50 -39.82
C LEU A 92 -19.84 8.00 -39.61
N THR A 93 -19.62 7.21 -40.66
CA THR A 93 -19.70 5.78 -40.50
C THR A 93 -18.32 5.18 -40.41
N ASN A 94 -18.29 3.92 -40.00
CA ASN A 94 -17.06 3.16 -39.84
C ASN A 94 -16.44 2.89 -41.20
N SER A 95 -17.29 2.65 -42.18
CA SER A 95 -16.83 2.35 -43.52
C SER A 95 -17.87 2.68 -44.59
N PRO A 96 -17.51 2.52 -45.87
CA PRO A 96 -18.43 2.80 -46.97
C PRO A 96 -19.76 2.09 -46.72
N VAL A 97 -20.87 2.80 -46.95
CA VAL A 97 -22.19 2.23 -46.72
C VAL A 97 -22.75 1.46 -47.92
N GLU A 98 -23.28 0.28 -47.66
CA GLU A 98 -23.88 -0.57 -48.67
C GLU A 98 -25.19 -1.04 -48.06
N LEU A 99 -26.30 -0.86 -48.78
CA LEU A 99 -27.60 -1.27 -48.26
C LEU A 99 -27.58 -2.71 -47.76
N ARG A 100 -28.24 -2.92 -46.62
CA ARG A 100 -28.35 -4.26 -46.01
C ARG A 100 -27.02 -4.87 -45.52
N GLU A 101 -25.98 -4.07 -45.39
CA GLU A 101 -24.69 -4.58 -44.92
C GLU A 101 -24.33 -3.91 -43.60
N PRO A 102 -24.08 -4.71 -42.56
CA PRO A 102 -23.72 -4.18 -41.23
C PRO A 102 -22.67 -3.07 -41.27
N ASN A 103 -22.94 -2.00 -40.53
CA ASN A 103 -22.03 -0.88 -40.46
C ASN A 103 -22.13 -0.27 -39.06
N VAL A 104 -21.43 0.83 -38.84
CA VAL A 104 -21.45 1.48 -37.55
C VAL A 104 -21.44 2.99 -37.72
N LEU A 105 -22.37 3.65 -37.05
CA LEU A 105 -22.41 5.11 -37.09
C LEU A 105 -21.58 5.57 -35.90
N ILE A 106 -20.68 6.52 -36.16
CA ILE A 106 -19.80 7.04 -35.12
C ILE A 106 -20.13 8.49 -34.86
N CYS A 107 -20.47 8.82 -33.61
CA CYS A 107 -20.77 10.20 -33.25
C CYS A 107 -19.58 10.70 -32.44
N PHE A 108 -18.87 11.66 -33.00
CA PHE A 108 -17.69 12.23 -32.37
C PHE A 108 -17.94 13.58 -31.70
N ILE A 109 -17.77 13.62 -30.38
CA ILE A 109 -17.98 14.87 -29.63
C ILE A 109 -16.58 15.33 -29.23
N ASP A 110 -16.21 16.54 -29.67
CA ASP A 110 -14.87 17.04 -29.42
C ASP A 110 -14.76 18.46 -28.87
N LYS A 111 -13.57 18.78 -28.36
CA LYS A 111 -13.22 20.09 -27.83
C LYS A 111 -14.17 20.74 -26.84
N PHE A 112 -14.50 20.04 -25.77
CA PHE A 112 -15.41 20.62 -24.79
C PHE A 112 -14.99 20.35 -23.35
N THR A 113 -15.60 21.12 -22.44
CA THR A 113 -15.39 20.97 -21.01
C THR A 113 -16.48 21.80 -20.34
N PRO A 114 -16.90 21.41 -19.13
CA PRO A 114 -16.46 20.26 -18.34
C PRO A 114 -16.86 18.92 -18.97
N PRO A 115 -16.35 17.81 -18.40
CA PRO A 115 -16.59 16.44 -18.84
C PRO A 115 -17.98 15.91 -18.49
N VAL A 116 -19.03 16.54 -19.03
CA VAL A 116 -20.40 16.10 -18.76
C VAL A 116 -21.23 16.35 -20.01
N VAL A 117 -21.78 15.29 -20.59
CA VAL A 117 -22.60 15.44 -21.79
C VAL A 117 -23.73 14.42 -21.81
N ASN A 118 -24.78 14.77 -22.55
CA ASN A 118 -25.92 13.87 -22.75
C ASN A 118 -25.92 13.55 -24.23
N VAL A 119 -25.79 12.27 -24.55
CA VAL A 119 -25.76 11.86 -25.94
C VAL A 119 -26.84 10.84 -26.23
N THR A 120 -27.66 11.13 -27.22
CA THR A 120 -28.73 10.23 -27.59
C THR A 120 -28.79 10.04 -29.11
N TRP A 121 -28.85 8.78 -29.55
CA TRP A 121 -28.96 8.47 -30.96
C TRP A 121 -30.45 8.50 -31.30
N LEU A 122 -30.79 9.02 -32.47
CA LEU A 122 -32.18 9.07 -32.89
C LEU A 122 -32.37 8.50 -34.28
N ARG A 123 -33.30 7.55 -34.41
CA ARG A 123 -33.60 6.97 -35.72
C ARG A 123 -35.03 7.33 -36.07
N ASN A 124 -35.19 8.19 -37.07
CA ASN A 124 -36.51 8.65 -37.49
C ASN A 124 -37.19 9.32 -36.29
N GLY A 125 -36.43 10.15 -35.59
CA GLY A 125 -36.94 10.87 -34.44
C GLY A 125 -37.03 10.11 -33.13
N LYS A 126 -36.92 8.78 -33.18
CA LYS A 126 -37.02 7.99 -31.96
C LYS A 126 -35.68 7.54 -31.38
N PRO A 127 -35.56 7.55 -30.05
CA PRO A 127 -34.33 7.14 -29.36
C PRO A 127 -33.95 5.69 -29.61
N VAL A 128 -32.66 5.44 -29.75
CA VAL A 128 -32.15 4.10 -29.99
C VAL A 128 -31.09 3.78 -28.96
N THR A 129 -31.21 2.65 -28.28
CA THR A 129 -30.22 2.28 -27.28
C THR A 129 -29.61 0.90 -27.52
N THR A 130 -30.38 0.00 -28.12
CA THR A 130 -29.87 -1.35 -28.37
C THR A 130 -28.60 -1.32 -29.19
N GLY A 131 -27.60 -2.08 -28.75
CA GLY A 131 -26.33 -2.15 -29.45
C GLY A 131 -25.39 -0.96 -29.35
N VAL A 132 -25.85 0.16 -28.80
CA VAL A 132 -25.00 1.35 -28.70
C VAL A 132 -23.96 1.20 -27.60
N SER A 133 -22.83 1.89 -27.76
CA SER A 133 -21.75 1.87 -26.78
C SER A 133 -21.06 3.23 -26.83
N GLU A 134 -20.13 3.46 -25.91
CA GLU A 134 -19.44 4.75 -25.84
C GLU A 134 -18.14 4.66 -25.07
N THR A 135 -17.32 5.68 -25.19
CA THR A 135 -16.04 5.72 -24.50
C THR A 135 -16.19 6.73 -23.36
N VAL A 136 -15.25 6.72 -22.43
CA VAL A 136 -15.26 7.66 -21.33
C VAL A 136 -14.76 8.98 -21.91
N PHE A 137 -14.51 9.98 -21.07
CA PHE A 137 -14.04 11.25 -21.59
C PHE A 137 -12.54 11.16 -21.88
N LEU A 138 -12.19 11.35 -23.14
CA LEU A 138 -10.80 11.22 -23.54
C LEU A 138 -10.10 12.57 -23.53
N PRO A 139 -8.88 12.62 -22.97
CA PRO A 139 -8.05 13.82 -22.85
C PRO A 139 -7.61 14.40 -24.18
N ARG A 140 -7.53 15.72 -24.26
CA ARG A 140 -7.06 16.41 -25.46
C ARG A 140 -5.78 17.15 -25.04
N GLU A 141 -4.83 17.29 -25.95
CA GLU A 141 -3.61 18.00 -25.63
C GLU A 141 -3.85 19.45 -25.20
N ASP A 142 -5.04 19.98 -25.50
CA ASP A 142 -5.34 21.35 -25.06
C ASP A 142 -6.11 21.31 -23.74
N HIS A 143 -6.27 20.11 -23.19
CA HIS A 143 -6.94 19.87 -21.91
C HIS A 143 -8.45 19.98 -21.87
N LEU A 144 -9.06 19.89 -23.05
CA LEU A 144 -10.50 19.88 -23.21
C LEU A 144 -10.74 18.37 -23.34
N PHE A 145 -11.91 17.94 -23.81
CA PHE A 145 -12.16 16.51 -23.93
C PHE A 145 -12.79 16.09 -25.26
N ARG A 146 -12.72 14.79 -25.55
CA ARG A 146 -13.31 14.17 -26.75
C ARG A 146 -14.12 12.99 -26.24
N LYS A 147 -14.98 12.44 -27.09
CA LYS A 147 -15.82 11.32 -26.68
C LYS A 147 -16.41 10.67 -27.93
N PHE A 148 -16.57 9.35 -27.89
CA PHE A 148 -17.13 8.61 -29.01
C PHE A 148 -18.33 7.78 -28.59
N HIS A 149 -19.37 7.83 -29.42
CA HIS A 149 -20.59 7.05 -29.23
C HIS A 149 -20.75 6.28 -30.52
N TYR A 150 -21.10 5.01 -30.40
CA TYR A 150 -21.22 4.15 -31.57
C TYR A 150 -22.60 3.51 -31.69
N LEU A 151 -23.05 3.35 -32.93
CA LEU A 151 -24.33 2.72 -33.21
C LEU A 151 -24.26 1.77 -34.41
N PRO A 152 -24.16 0.47 -34.14
CA PRO A 152 -24.09 -0.54 -35.21
C PRO A 152 -25.45 -0.48 -35.88
N PHE A 153 -25.51 -0.66 -37.19
CA PHE A 153 -26.79 -0.61 -37.87
C PHE A 153 -26.81 -1.19 -39.28
N LEU A 154 -27.99 -1.51 -39.76
CA LEU A 154 -28.18 -2.05 -41.10
C LEU A 154 -28.69 -0.88 -41.93
N PRO A 155 -27.91 -0.42 -42.90
CA PRO A 155 -28.35 0.70 -43.74
C PRO A 155 -29.61 0.42 -44.55
N SER A 156 -30.51 1.39 -44.61
CA SER A 156 -31.76 1.27 -45.35
C SER A 156 -32.04 2.61 -46.03
N THR A 157 -32.84 2.58 -47.08
CA THR A 157 -33.18 3.81 -47.78
C THR A 157 -34.20 4.57 -46.92
N GLU A 158 -34.89 3.83 -46.07
CA GLU A 158 -35.94 4.39 -45.22
C GLU A 158 -35.56 4.98 -43.85
N ASP A 159 -34.42 4.63 -43.31
CA ASP A 159 -34.04 5.13 -42.01
C ASP A 159 -33.18 6.39 -42.00
N VAL A 160 -33.50 7.27 -41.06
CA VAL A 160 -32.79 8.54 -40.89
C VAL A 160 -32.21 8.61 -39.47
N TYR A 161 -30.98 9.08 -39.34
CA TYR A 161 -30.35 9.15 -38.02
C TYR A 161 -29.90 10.55 -37.57
N ASP A 162 -29.87 10.74 -36.26
CA ASP A 162 -29.44 12.00 -35.64
C ASP A 162 -28.69 11.69 -34.34
N CYS A 163 -27.59 12.41 -34.11
CA CYS A 163 -26.85 12.25 -32.87
C CYS A 163 -27.18 13.53 -32.10
N ARG A 164 -27.94 13.41 -31.01
CA ARG A 164 -28.30 14.59 -30.23
C ARG A 164 -27.37 14.76 -29.04
N VAL A 165 -26.79 15.95 -28.91
CA VAL A 165 -25.86 16.23 -27.82
C VAL A 165 -26.23 17.45 -26.96
N GLU A 166 -26.32 17.23 -25.67
CA GLU A 166 -26.65 18.30 -24.72
C GLU A 166 -25.42 18.61 -23.89
N HIS A 167 -25.12 19.90 -23.74
CA HIS A 167 -23.96 20.32 -22.97
C HIS A 167 -24.21 21.73 -22.42
N TRP A 168 -23.77 22.00 -21.19
CA TRP A 168 -24.00 23.30 -20.57
C TRP A 168 -23.38 24.44 -21.34
N GLY A 169 -22.60 24.11 -22.37
CA GLY A 169 -21.99 25.16 -23.17
C GLY A 169 -22.83 25.50 -24.39
N LEU A 170 -23.87 24.70 -24.63
CA LEU A 170 -24.77 24.93 -25.76
C LEU A 170 -26.07 25.57 -25.30
N ASP A 171 -26.50 26.63 -25.97
CA ASP A 171 -27.75 27.31 -25.62
C ASP A 171 -28.90 26.32 -25.81
N GLU A 172 -28.72 25.40 -26.74
CA GLU A 172 -29.74 24.39 -27.04
C GLU A 172 -29.10 23.09 -27.53
N PRO A 173 -29.81 21.97 -27.40
CA PRO A 173 -29.26 20.68 -27.84
C PRO A 173 -28.76 20.77 -29.28
N LEU A 174 -27.68 20.04 -29.58
CA LEU A 174 -27.13 20.06 -30.92
C LEU A 174 -27.46 18.75 -31.60
N LEU A 175 -27.90 18.82 -32.85
CA LEU A 175 -28.26 17.63 -33.61
C LEU A 175 -27.46 17.48 -34.90
N LYS A 176 -26.70 16.41 -35.01
CA LYS A 176 -25.95 16.16 -36.23
C LYS A 176 -26.64 15.00 -36.95
N HIS A 177 -27.00 15.26 -38.20
CA HIS A 177 -27.75 14.35 -39.05
C HIS A 177 -26.99 13.43 -40.01
N TRP A 178 -27.57 12.26 -40.28
CA TRP A 178 -27.01 11.31 -41.23
C TRP A 178 -28.07 10.43 -41.86
N GLU A 179 -27.91 10.18 -43.15
CA GLU A 179 -28.81 9.34 -43.91
C GLU A 179 -28.09 8.79 -45.13
N PHE A 180 -28.52 7.61 -45.57
CA PHE A 180 -27.92 6.97 -46.74
C PHE A 180 -28.12 7.88 -47.95
N ASP A 181 -27.02 8.40 -48.50
CA ASP A 181 -27.12 9.29 -49.66
C ASP A 181 -27.50 8.53 -50.93
N THR B 3 -27.27 26.27 -14.42
CA THR B 3 -27.05 25.47 -13.19
C THR B 3 -25.87 26.04 -12.39
N ARG B 4 -25.56 25.37 -11.28
CA ARG B 4 -24.48 25.78 -10.39
C ARG B 4 -23.07 25.63 -11.00
N PRO B 5 -22.11 26.42 -10.51
CA PRO B 5 -20.72 26.40 -10.98
C PRO B 5 -20.09 25.02 -10.88
N ARG B 6 -19.16 24.72 -11.78
CA ARG B 6 -18.46 23.44 -11.74
C ARG B 6 -16.99 23.77 -11.51
N PHE B 7 -16.28 22.84 -10.88
CA PHE B 7 -14.85 23.02 -10.61
C PHE B 7 -14.15 21.73 -11.03
N LEU B 8 -13.16 21.86 -11.91
CA LEU B 8 -12.45 20.72 -12.44
C LEU B 8 -10.97 20.65 -12.13
N GLU B 9 -10.51 19.48 -11.72
CA GLU B 9 -9.12 19.23 -11.41
C GLU B 9 -8.65 18.10 -12.34
N GLN B 10 -7.48 18.26 -12.94
CA GLN B 10 -6.94 17.22 -13.83
C GLN B 10 -5.45 17.04 -13.52
N VAL B 11 -4.98 15.84 -13.81
CA VAL B 11 -3.59 15.54 -13.61
C VAL B 11 -3.17 14.66 -14.78
N LYS B 12 -1.99 14.92 -15.31
CA LYS B 12 -1.50 14.12 -16.43
C LYS B 12 -0.05 13.71 -16.21
N HIS B 13 0.17 12.40 -16.16
CA HIS B 13 1.52 11.87 -15.98
C HIS B 13 1.86 11.37 -17.39
N GLU B 14 2.79 12.06 -18.04
CA GLU B 14 3.13 11.70 -19.41
C GLU B 14 4.50 11.10 -19.60
N CYS B 15 4.56 10.12 -20.48
CA CYS B 15 5.80 9.44 -20.81
C CYS B 15 6.06 9.56 -22.31
N HIS B 16 7.06 10.35 -22.68
CA HIS B 16 7.40 10.54 -24.09
C HIS B 16 8.62 9.69 -24.47
N PHE B 17 8.43 8.73 -25.36
CA PHE B 17 9.51 7.86 -25.81
C PHE B 17 10.02 8.21 -27.21
N PHE B 18 11.34 8.18 -27.37
CA PHE B 18 11.96 8.46 -28.66
C PHE B 18 12.93 7.31 -28.98
N ASN B 19 12.79 6.73 -30.17
CA ASN B 19 13.63 5.60 -30.57
C ASN B 19 13.51 4.54 -29.48
N GLY B 20 12.29 4.06 -29.26
CA GLY B 20 12.08 3.07 -28.22
C GLY B 20 12.24 3.69 -26.85
N THR B 21 13.10 3.11 -26.01
CA THR B 21 13.32 3.63 -24.67
C THR B 21 14.72 4.22 -24.53
N GLU B 22 15.36 4.51 -25.65
CA GLU B 22 16.71 5.08 -25.64
C GLU B 22 16.70 6.46 -25.02
N ARG B 23 15.64 7.23 -25.29
CA ARG B 23 15.48 8.57 -24.74
C ARG B 23 14.06 8.63 -24.23
N VAL B 24 13.91 9.07 -22.98
CA VAL B 24 12.60 9.12 -22.34
C VAL B 24 12.46 10.40 -21.53
N ARG B 25 11.32 11.06 -21.67
CA ARG B 25 11.02 12.29 -20.95
C ARG B 25 9.74 12.07 -20.15
N PHE B 26 9.75 12.48 -18.89
CA PHE B 26 8.60 12.33 -18.00
C PHE B 26 8.02 13.65 -17.53
N LEU B 27 6.69 13.75 -17.55
CA LEU B 27 6.01 14.96 -17.11
C LEU B 27 4.88 14.66 -16.14
N ASP B 28 4.89 15.39 -15.02
CA ASP B 28 3.90 15.25 -13.96
C ASP B 28 3.20 16.62 -14.04
N ARG B 29 2.04 16.65 -14.70
CA ARG B 29 1.27 17.88 -14.93
C ARG B 29 -0.01 17.99 -14.11
N TYR B 30 -0.26 19.19 -13.56
CA TYR B 30 -1.44 19.48 -12.74
C TYR B 30 -2.30 20.59 -13.34
N PHE B 31 -3.60 20.35 -13.41
CA PHE B 31 -4.50 21.34 -14.02
C PHE B 31 -5.71 21.78 -13.20
N TYR B 32 -5.99 23.08 -13.21
CA TYR B 32 -7.18 23.62 -12.55
C TYR B 32 -8.05 24.08 -13.71
N HIS B 33 -9.14 23.35 -13.92
CA HIS B 33 -10.06 23.59 -15.02
C HIS B 33 -9.32 23.16 -16.29
N GLN B 34 -8.93 24.11 -17.12
CA GLN B 34 -8.25 23.77 -18.37
C GLN B 34 -6.83 24.33 -18.36
N GLU B 35 -6.45 24.96 -17.25
CA GLU B 35 -5.16 25.61 -17.13
C GLU B 35 -4.11 24.88 -16.26
N GLU B 36 -2.97 24.58 -16.88
CA GLU B 36 -1.87 23.89 -16.20
C GLU B 36 -1.20 24.92 -15.30
N TYR B 37 -1.08 24.61 -14.01
CA TYR B 37 -0.46 25.57 -13.12
C TYR B 37 0.89 25.15 -12.54
N VAL B 38 1.20 23.85 -12.58
CA VAL B 38 2.50 23.38 -12.09
C VAL B 38 2.91 22.08 -12.74
N ARG B 39 4.20 21.90 -12.96
CA ARG B 39 4.69 20.67 -13.60
C ARG B 39 6.14 20.31 -13.28
N PHE B 40 6.42 19.02 -13.39
CA PHE B 40 7.75 18.49 -13.21
C PHE B 40 8.12 17.95 -14.60
N ASP B 41 9.24 18.41 -15.15
CA ASP B 41 9.73 17.99 -16.45
C ASP B 41 11.03 17.24 -16.18
N SER B 42 11.11 15.96 -16.55
CA SER B 42 12.33 15.21 -16.25
C SER B 42 13.59 15.81 -16.90
N ASP B 43 13.42 16.68 -17.88
CA ASP B 43 14.61 17.29 -18.48
C ASP B 43 15.02 18.50 -17.65
N VAL B 44 14.16 18.92 -16.73
CA VAL B 44 14.46 20.05 -15.86
C VAL B 44 15.00 19.57 -14.52
N GLY B 45 14.36 18.54 -13.95
CA GLY B 45 14.82 18.01 -12.68
C GLY B 45 14.04 18.37 -11.42
N GLU B 46 13.18 19.37 -11.49
CA GLU B 46 12.37 19.79 -10.36
C GLU B 46 11.06 20.43 -10.84
N TYR B 47 10.09 20.57 -9.94
CA TYR B 47 8.82 21.18 -10.31
C TYR B 47 8.97 22.67 -10.56
N ARG B 48 8.17 23.19 -11.50
CA ARG B 48 8.20 24.60 -11.82
C ARG B 48 6.77 25.07 -11.97
N ALA B 49 6.50 26.29 -11.50
CA ALA B 49 5.18 26.84 -11.62
C ALA B 49 4.98 27.16 -13.09
N VAL B 50 3.81 26.84 -13.63
CA VAL B 50 3.52 27.15 -15.03
C VAL B 50 2.82 28.50 -15.01
N THR B 51 2.01 28.73 -13.98
CA THR B 51 1.33 30.00 -13.78
C THR B 51 1.52 30.32 -12.32
N GLU B 52 1.35 31.59 -11.95
CA GLU B 52 1.55 32.02 -10.59
C GLU B 52 0.76 31.22 -9.58
N LEU B 53 -0.39 30.69 -10.02
CA LEU B 53 -1.25 29.89 -9.17
C LEU B 53 -0.54 28.66 -8.63
N GLY B 54 0.41 28.13 -9.41
CA GLY B 54 1.12 26.95 -8.99
C GLY B 54 2.42 27.14 -8.20
N ARG B 55 2.83 28.38 -7.94
CA ARG B 55 4.08 28.59 -7.19
C ARG B 55 4.12 27.87 -5.84
N PRO B 56 3.02 27.94 -5.05
CA PRO B 56 2.97 27.29 -3.75
C PRO B 56 3.40 25.83 -3.82
N ASP B 57 2.85 25.12 -4.79
CA ASP B 57 3.16 23.71 -4.97
C ASP B 57 4.59 23.44 -5.41
N ALA B 58 5.15 24.29 -6.25
CA ALA B 58 6.52 24.10 -6.69
C ALA B 58 7.47 24.22 -5.50
N GLU B 59 7.34 25.28 -4.73
CA GLU B 59 8.21 25.51 -3.56
C GLU B 59 8.05 24.40 -2.52
N TYR B 60 6.81 23.98 -2.32
CA TYR B 60 6.48 22.94 -1.35
C TYR B 60 7.10 21.60 -1.76
N TRP B 61 6.76 21.12 -2.95
CA TRP B 61 7.29 19.85 -3.40
C TRP B 61 8.80 19.87 -3.61
N ASN B 62 9.35 20.96 -4.13
CA ASN B 62 10.78 21.02 -4.37
C ASN B 62 11.60 21.01 -3.10
N SER B 63 10.99 21.32 -1.96
CA SER B 63 11.71 21.35 -0.70
C SER B 63 11.84 19.98 -0.06
N GLN B 64 11.38 18.94 -0.76
CA GLN B 64 11.46 17.60 -0.21
C GLN B 64 12.31 16.70 -1.09
N LYS B 65 13.54 16.48 -0.65
CA LYS B 65 14.52 15.66 -1.36
C LYS B 65 13.95 14.32 -1.81
N ASP B 66 13.25 13.63 -0.92
CA ASP B 66 12.67 12.34 -1.27
C ASP B 66 11.62 12.43 -2.36
N LEU B 67 10.89 13.54 -2.39
CA LEU B 67 9.86 13.73 -3.38
C LEU B 67 10.49 13.82 -4.77
N LEU B 68 11.47 14.71 -4.91
CA LEU B 68 12.15 14.90 -6.19
C LEU B 68 12.90 13.65 -6.62
N GLU B 69 13.40 12.91 -5.65
CA GLU B 69 14.15 11.69 -5.92
C GLU B 69 13.29 10.67 -6.64
N GLN B 70 12.06 10.49 -6.16
CA GLN B 70 11.11 9.55 -6.74
C GLN B 70 10.69 9.96 -8.16
N LYS B 71 10.44 11.25 -8.34
CA LYS B 71 10.03 11.72 -9.66
C LYS B 71 11.19 11.66 -10.65
N ARG B 72 12.39 11.94 -10.18
CA ARG B 72 13.55 11.88 -11.05
C ARG B 72 13.81 10.46 -11.56
N ALA B 73 13.30 9.47 -10.83
CA ALA B 73 13.49 8.07 -11.22
C ALA B 73 12.26 7.49 -11.91
N ALA B 74 11.31 8.35 -12.25
CA ALA B 74 10.07 7.90 -12.88
C ALA B 74 10.28 7.43 -14.32
N VAL B 75 11.23 8.03 -15.03
CA VAL B 75 11.50 7.62 -16.42
C VAL B 75 11.80 6.14 -16.44
N ASP B 76 12.35 5.62 -15.34
CA ASP B 76 12.70 4.21 -15.22
C ASP B 76 11.64 3.38 -14.49
N THR B 77 11.27 3.80 -13.28
CA THR B 77 10.29 3.06 -12.49
C THR B 77 8.87 3.13 -12.98
N TYR B 78 8.62 4.00 -13.97
CA TYR B 78 7.26 4.16 -14.49
C TYR B 78 7.20 4.03 -16.01
N CYS B 79 7.69 5.03 -16.70
CA CYS B 79 7.69 5.02 -18.17
C CYS B 79 8.28 3.75 -18.80
N ARG B 80 9.57 3.50 -18.58
CA ARG B 80 10.18 2.32 -19.18
C ARG B 80 9.48 1.03 -18.78
N HIS B 81 9.02 0.93 -17.54
CA HIS B 81 8.34 -0.29 -17.15
C HIS B 81 7.02 -0.45 -17.91
N ASN B 82 6.24 0.62 -18.02
CA ASN B 82 4.95 0.52 -18.70
C ASN B 82 5.09 0.30 -20.19
N TYR B 83 6.10 0.92 -20.81
CA TYR B 83 6.32 0.75 -22.24
C TYR B 83 6.51 -0.74 -22.52
N GLY B 84 7.37 -1.39 -21.73
CA GLY B 84 7.60 -2.80 -21.90
C GLY B 84 6.38 -3.66 -21.69
N VAL B 85 5.49 -3.24 -20.79
CA VAL B 85 4.27 -3.98 -20.50
C VAL B 85 3.29 -4.14 -21.67
N GLY B 86 3.05 -3.08 -22.43
CA GLY B 86 2.11 -3.17 -23.53
C GLY B 86 2.66 -3.08 -24.94
N GLU B 87 3.98 -3.10 -25.04
CA GLU B 87 4.67 -3.01 -26.32
C GLU B 87 4.12 -3.96 -27.40
N SER B 88 3.82 -5.20 -27.03
CA SER B 88 3.35 -6.17 -27.99
C SER B 88 2.02 -5.84 -28.65
N PHE B 89 1.12 -5.16 -27.92
CA PHE B 89 -0.19 -4.83 -28.47
C PHE B 89 -0.45 -3.36 -28.76
N THR B 90 0.59 -2.53 -28.62
CA THR B 90 0.44 -1.11 -28.88
C THR B 90 1.44 -0.64 -29.92
N VAL B 91 2.71 -0.57 -29.53
CA VAL B 91 3.77 -0.13 -30.43
C VAL B 91 3.88 -1.08 -31.62
N GLN B 92 3.52 -2.34 -31.41
CA GLN B 92 3.62 -3.32 -32.47
C GLN B 92 2.29 -3.72 -33.09
N ARG B 93 1.22 -3.03 -32.70
CA ARG B 93 -0.11 -3.32 -33.24
C ARG B 93 -0.13 -3.07 -34.75
N ARG B 94 -0.70 -4.01 -35.49
CA ARG B 94 -0.80 -3.91 -36.96
C ARG B 94 -2.14 -4.41 -37.48
N VAL B 95 -2.86 -3.54 -38.18
CA VAL B 95 -4.14 -3.92 -38.76
C VAL B 95 -4.22 -3.37 -40.18
N TYR B 96 -4.51 -4.26 -41.13
CA TYR B 96 -4.61 -3.96 -42.56
C TYR B 96 -5.58 -2.85 -42.94
N PRO B 97 -5.22 -2.06 -43.96
CA PRO B 97 -6.08 -0.98 -44.44
C PRO B 97 -7.12 -1.66 -45.35
N GLU B 98 -8.39 -1.35 -45.14
CA GLU B 98 -9.44 -1.91 -46.00
C GLU B 98 -9.58 -0.84 -47.07
N VAL B 99 -9.53 -1.21 -48.35
CA VAL B 99 -9.64 -0.20 -49.39
C VAL B 99 -10.85 -0.36 -50.29
N THR B 100 -11.51 0.76 -50.56
CA THR B 100 -12.69 0.77 -51.41
C THR B 100 -12.68 2.00 -52.29
N VAL B 101 -12.88 1.81 -53.59
CA VAL B 101 -12.94 2.94 -54.52
C VAL B 101 -14.33 3.07 -55.12
N TYR B 102 -14.93 4.24 -54.99
CA TYR B 102 -16.26 4.49 -55.54
C TYR B 102 -16.36 5.92 -56.05
N PRO B 103 -17.26 6.17 -57.02
CA PRO B 103 -17.51 7.48 -57.64
C PRO B 103 -18.36 8.39 -56.79
N ALA B 104 -18.26 9.69 -57.04
CA ALA B 104 -19.02 10.71 -56.33
C ALA B 104 -18.77 12.09 -56.94
N ASN B 113 -17.75 16.02 -60.00
CA ASN B 113 -17.69 14.56 -59.99
C ASN B 113 -16.37 14.13 -59.35
N LEU B 114 -16.49 13.17 -58.38
CA LEU B 114 -15.27 12.64 -57.78
C LEU B 114 -15.04 11.13 -57.76
N LEU B 115 -13.77 10.76 -57.62
CA LEU B 115 -13.38 9.37 -57.49
C LEU B 115 -12.85 9.33 -56.06
N VAL B 116 -13.48 8.53 -55.22
CA VAL B 116 -13.06 8.45 -53.83
C VAL B 116 -12.38 7.15 -53.49
N CYS B 117 -11.33 7.27 -52.71
CA CYS B 117 -10.60 6.11 -52.24
C CYS B 117 -10.72 6.13 -50.73
N SER B 118 -11.57 5.27 -50.17
CA SER B 118 -11.75 5.22 -48.73
C SER B 118 -10.87 4.13 -48.14
N VAL B 119 -10.01 4.51 -47.21
CA VAL B 119 -9.10 3.58 -46.54
C VAL B 119 -9.57 3.43 -45.10
N ASN B 120 -10.05 2.24 -44.75
CA ASN B 120 -10.60 2.01 -43.42
C ASN B 120 -10.02 0.90 -42.55
N GLY B 121 -10.23 1.05 -41.24
CA GLY B 121 -9.80 0.09 -40.25
C GLY B 121 -8.32 -0.21 -40.05
N PHE B 122 -7.44 0.70 -40.46
CA PHE B 122 -6.01 0.46 -40.29
C PHE B 122 -5.39 1.03 -39.02
N TYR B 123 -4.22 0.49 -38.66
CA TYR B 123 -3.42 0.93 -37.50
C TYR B 123 -2.03 0.39 -37.76
N PRO B 124 -0.98 1.20 -37.52
CA PRO B 124 -0.89 2.56 -37.00
C PRO B 124 -1.54 3.59 -37.91
N GLY B 125 -1.31 4.87 -37.61
CA GLY B 125 -1.89 5.94 -38.38
C GLY B 125 -1.15 6.44 -39.61
N SER B 126 0.18 6.48 -39.56
CA SER B 126 0.93 6.96 -40.71
C SER B 126 0.60 6.07 -41.91
N ILE B 127 0.25 6.70 -43.02
CA ILE B 127 -0.13 5.96 -44.21
C ILE B 127 0.12 6.81 -45.46
N GLU B 128 0.25 6.15 -46.60
CA GLU B 128 0.47 6.85 -47.86
C GLU B 128 -0.56 6.38 -48.87
N VAL B 129 -1.39 7.32 -49.34
CA VAL B 129 -2.44 7.02 -50.31
C VAL B 129 -2.18 7.86 -51.56
N ARG B 130 -1.97 7.18 -52.68
CA ARG B 130 -1.70 7.87 -53.94
C ARG B 130 -2.67 7.42 -55.04
N TRP B 131 -2.99 8.37 -55.93
CA TRP B 131 -3.90 8.14 -57.05
C TRP B 131 -3.17 8.02 -58.40
N PHE B 132 -3.56 7.04 -59.20
CA PHE B 132 -2.94 6.85 -60.52
C PHE B 132 -3.94 6.79 -61.66
N ARG B 133 -3.49 7.19 -62.84
CA ARG B 133 -4.32 7.16 -64.05
C ARG B 133 -3.49 6.64 -65.21
N ASN B 134 -3.84 5.47 -65.71
CA ASN B 134 -3.11 4.85 -66.82
C ASN B 134 -1.62 4.78 -66.48
N GLY B 135 -1.33 4.35 -65.26
CA GLY B 135 0.04 4.22 -64.81
C GLY B 135 0.74 5.49 -64.38
N GLN B 136 0.13 6.65 -64.62
CA GLN B 136 0.76 7.91 -64.23
C GLN B 136 0.13 8.53 -62.99
N GLU B 137 0.95 8.86 -62.01
CA GLU B 137 0.45 9.43 -60.77
C GLU B 137 -0.19 10.80 -60.92
N GLU B 138 -1.34 10.96 -60.28
CA GLU B 138 -2.07 12.22 -60.30
C GLU B 138 -1.69 12.96 -59.04
N LYS B 139 -0.86 13.98 -59.16
CA LYS B 139 -0.44 14.74 -58.00
C LYS B 139 -1.21 16.05 -57.80
N THR B 140 -2.04 16.41 -58.78
CA THR B 140 -2.82 17.64 -58.68
C THR B 140 -4.30 17.26 -58.69
N GLY B 141 -5.10 17.98 -57.92
CA GLY B 141 -6.53 17.68 -57.86
C GLY B 141 -6.84 16.51 -56.95
N VAL B 142 -6.06 16.37 -55.89
CA VAL B 142 -6.24 15.30 -54.91
C VAL B 142 -6.59 15.94 -53.58
N VAL B 143 -7.77 15.62 -53.05
CA VAL B 143 -8.20 16.18 -51.78
C VAL B 143 -8.42 15.10 -50.73
N SER B 144 -7.68 15.21 -49.63
CA SER B 144 -7.77 14.25 -48.54
C SER B 144 -8.46 14.84 -47.32
N THR B 145 -9.29 14.03 -46.67
CA THR B 145 -10.01 14.48 -45.49
C THR B 145 -9.08 14.47 -44.29
N GLY B 146 -7.90 13.88 -44.48
CA GLY B 146 -6.93 13.78 -43.40
C GLY B 146 -7.11 12.48 -42.65
N LEU B 147 -6.24 12.24 -41.67
CA LEU B 147 -6.34 11.03 -40.87
C LEU B 147 -7.48 11.20 -39.86
N ILE B 148 -8.42 10.25 -39.85
CA ILE B 148 -9.54 10.31 -38.90
C ILE B 148 -9.43 9.17 -37.89
N GLN B 149 -9.49 9.52 -36.61
CA GLN B 149 -9.38 8.54 -35.55
C GLN B 149 -10.79 8.05 -35.19
N ASN B 150 -10.98 6.75 -35.18
CA ASN B 150 -12.28 6.15 -34.87
C ASN B 150 -12.48 5.93 -33.37
N GLY B 151 -11.42 6.16 -32.58
CA GLY B 151 -11.50 5.99 -31.15
C GLY B 151 -11.51 4.54 -30.68
N ASP B 152 -11.16 3.61 -31.56
CA ASP B 152 -11.16 2.19 -31.21
C ASP B 152 -9.92 1.50 -31.75
N TRP B 153 -8.81 2.22 -31.79
CA TRP B 153 -7.55 1.71 -32.27
C TRP B 153 -7.57 1.36 -33.76
N THR B 154 -8.24 2.19 -34.55
CA THR B 154 -8.29 2.03 -36.00
C THR B 154 -8.51 3.42 -36.56
N PHE B 155 -7.93 3.70 -37.72
CA PHE B 155 -8.10 5.00 -38.34
C PHE B 155 -8.86 4.82 -39.64
N GLN B 156 -9.08 5.93 -40.32
CA GLN B 156 -9.76 5.90 -41.61
C GLN B 156 -9.41 7.21 -42.28
N THR B 157 -9.41 7.19 -43.62
CA THR B 157 -9.10 8.38 -44.38
C THR B 157 -9.74 8.24 -45.74
N LEU B 158 -10.17 9.37 -46.30
CA LEU B 158 -10.76 9.40 -47.63
C LEU B 158 -9.94 10.33 -48.50
N VAL B 159 -9.41 9.80 -49.59
CA VAL B 159 -8.60 10.60 -50.50
C VAL B 159 -9.32 10.68 -51.84
N MET B 160 -9.82 11.87 -52.16
CA MET B 160 -10.56 12.06 -53.40
C MET B 160 -9.76 12.65 -54.54
N LEU B 161 -10.12 12.24 -55.74
CA LEU B 161 -9.48 12.71 -56.96
C LEU B 161 -10.54 13.45 -57.76
N GLU B 162 -10.30 14.73 -58.03
CA GLU B 162 -11.25 15.55 -58.78
C GLU B 162 -11.07 15.34 -60.28
N THR B 163 -11.91 14.49 -60.85
CA THR B 163 -11.87 14.19 -62.28
C THR B 163 -13.24 13.79 -62.78
N VAL B 164 -13.36 13.71 -64.10
CA VAL B 164 -14.59 13.30 -64.74
C VAL B 164 -14.31 11.92 -65.34
N PRO B 165 -14.74 10.87 -64.65
CA PRO B 165 -14.55 9.48 -65.08
C PRO B 165 -14.89 9.28 -66.54
N ARG B 166 -14.03 8.57 -67.26
CA ARG B 166 -14.28 8.32 -68.67
C ARG B 166 -13.95 6.90 -69.11
N SER B 167 -14.53 6.49 -70.24
CA SER B 167 -14.30 5.15 -70.78
C SER B 167 -12.87 5.05 -71.29
N GLY B 168 -12.31 3.85 -71.17
CA GLY B 168 -10.95 3.63 -71.62
C GLY B 168 -9.94 4.03 -70.56
N GLU B 169 -10.37 4.87 -69.62
CA GLU B 169 -9.49 5.31 -68.54
C GLU B 169 -9.44 4.33 -67.38
N VAL B 170 -8.22 4.09 -66.90
CA VAL B 170 -7.99 3.20 -65.78
C VAL B 170 -7.50 4.07 -64.63
N TYR B 171 -8.16 3.93 -63.47
CA TYR B 171 -7.83 4.70 -62.26
C TYR B 171 -7.40 3.75 -61.14
N THR B 172 -6.29 4.04 -60.49
CA THR B 172 -5.83 3.16 -59.43
C THR B 172 -5.50 3.87 -58.11
N CYS B 173 -5.95 3.28 -57.00
CA CYS B 173 -5.64 3.85 -55.69
C CYS B 173 -4.52 2.98 -55.13
N GLN B 174 -3.43 3.60 -54.68
CA GLN B 174 -2.32 2.84 -54.12
C GLN B 174 -2.10 3.25 -52.66
N VAL B 175 -2.23 2.27 -51.77
CA VAL B 175 -2.07 2.51 -50.35
C VAL B 175 -0.84 1.80 -49.80
N GLU B 176 0.00 2.55 -49.10
CA GLU B 176 1.19 2.00 -48.50
C GLU B 176 1.02 2.16 -47.00
N HIS B 177 1.24 1.07 -46.27
CA HIS B 177 1.07 1.10 -44.83
C HIS B 177 1.97 0.06 -44.16
N PRO B 178 2.42 0.33 -42.93
CA PRO B 178 3.30 -0.59 -42.20
C PRO B 178 2.75 -2.01 -42.05
N SER B 179 1.43 -2.16 -42.08
CA SER B 179 0.85 -3.49 -41.93
C SER B 179 1.00 -4.34 -43.19
N VAL B 180 1.25 -3.70 -44.33
CA VAL B 180 1.37 -4.43 -45.59
C VAL B 180 2.80 -4.60 -46.11
N THR B 181 3.12 -5.82 -46.54
CA THR B 181 4.43 -6.15 -47.08
C THR B 181 4.70 -5.43 -48.41
N SER B 182 3.68 -5.30 -49.24
CA SER B 182 3.83 -4.58 -50.53
C SER B 182 2.58 -3.75 -50.80
N PRO B 183 2.75 -2.65 -51.57
CA PRO B 183 1.64 -1.76 -51.89
C PRO B 183 0.29 -2.44 -52.21
N LEU B 184 -0.79 -1.85 -51.69
CA LEU B 184 -2.12 -2.37 -51.94
C LEU B 184 -2.71 -1.46 -53.01
N THR B 185 -3.22 -2.05 -54.07
CA THR B 185 -3.84 -1.26 -55.14
C THR B 185 -5.24 -1.78 -55.42
N VAL B 186 -6.12 -0.86 -55.76
CA VAL B 186 -7.51 -1.16 -56.11
C VAL B 186 -7.78 -0.24 -57.31
N GLU B 187 -8.13 -0.83 -58.45
CA GLU B 187 -8.41 0.00 -59.62
C GLU B 187 -9.89 0.11 -59.94
N TRP B 188 -10.27 1.23 -60.51
CA TRP B 188 -11.66 1.49 -60.87
C TRP B 188 -11.72 1.92 -62.33
N ARG B 189 -12.75 1.45 -63.04
CA ARG B 189 -12.94 1.79 -64.45
C ARG B 189 -14.39 2.11 -64.75
N ALA B 190 -14.61 3.09 -65.62
CA ALA B 190 -15.95 3.50 -66.02
C ALA B 190 -16.35 2.78 -67.30
N PRO C 1 2.46 -9.18 -17.81
CA PRO C 1 3.01 -7.88 -17.39
C PRO C 1 1.97 -7.07 -16.63
N LYS C 2 2.45 -6.19 -15.77
CA LYS C 2 1.57 -5.38 -14.94
C LYS C 2 1.91 -3.91 -15.04
N TYR C 3 0.93 -3.10 -15.43
CA TYR C 3 1.08 -1.66 -15.55
C TYR C 3 1.18 -1.10 -14.14
N VAL C 4 1.96 -0.04 -13.97
CA VAL C 4 2.09 0.59 -12.66
C VAL C 4 1.69 2.03 -12.83
N LYS C 5 0.92 2.56 -11.88
CA LYS C 5 0.47 3.94 -11.98
C LYS C 5 1.50 4.86 -11.39
N GLN C 6 1.40 6.14 -11.74
CA GLN C 6 2.27 7.16 -11.19
C GLN C 6 1.44 7.83 -10.09
N ASN C 7 2.07 8.21 -8.99
CA ASN C 7 1.36 8.84 -7.88
C ASN C 7 0.98 10.28 -8.20
N THR C 8 -0.13 10.72 -7.62
CA THR C 8 -0.55 12.10 -7.80
C THR C 8 -0.28 12.75 -6.47
N LEU C 9 0.49 13.83 -6.48
CA LEU C 9 0.85 14.55 -5.27
C LEU C 9 -0.27 15.39 -4.69
N LYS C 10 -0.26 15.53 -3.38
CA LYS C 10 -1.26 16.35 -2.72
C LYS C 10 -0.70 17.77 -2.70
N LEU C 11 -1.53 18.71 -3.16
CA LEU C 11 -1.14 20.11 -3.23
C LEU C 11 -0.80 20.74 -1.88
N ALA C 12 -0.22 21.93 -1.92
CA ALA C 12 0.13 22.65 -0.72
C ALA C 12 -1.13 23.33 -0.17
N THR C 13 -1.38 23.16 1.13
CA THR C 13 -2.56 23.75 1.76
C THR C 13 -2.29 25.18 2.20
N GLN D 1 2.89 -9.65 -5.54
CA GLN D 1 4.06 -9.37 -4.65
C GLN D 1 4.09 -10.19 -3.36
N SER D 2 5.29 -10.55 -2.92
CA SER D 2 5.45 -11.30 -1.69
C SER D 2 6.87 -11.17 -1.14
N VAL D 3 7.01 -11.49 0.14
CA VAL D 3 8.30 -11.46 0.82
C VAL D 3 8.36 -12.64 1.75
N THR D 4 9.56 -13.15 1.95
CA THR D 4 9.75 -14.26 2.86
C THR D 4 11.02 -13.99 3.69
N GLN D 5 10.95 -14.34 4.97
CA GLN D 5 12.09 -14.14 5.84
C GLN D 5 12.50 -15.49 6.38
N LEU D 6 13.39 -16.16 5.67
CA LEU D 6 13.86 -17.46 6.09
C LEU D 6 14.63 -17.33 7.40
N GLY D 7 14.12 -17.95 8.45
CA GLY D 7 14.76 -17.87 9.76
C GLY D 7 13.94 -16.97 10.67
N SER D 8 13.05 -17.58 11.45
CA SER D 8 12.18 -16.85 12.37
C SER D 8 12.90 -16.33 13.62
N HIS D 9 13.80 -17.15 14.17
CA HIS D 9 14.57 -16.79 15.36
C HIS D 9 16.04 -16.91 15.03
N VAL D 10 16.79 -15.82 15.23
CA VAL D 10 18.21 -15.85 14.94
C VAL D 10 19.04 -15.38 16.14
N SER D 11 20.01 -16.21 16.52
CA SER D 11 20.91 -15.92 17.64
C SER D 11 22.29 -15.53 17.13
N VAL D 12 22.82 -14.44 17.67
CA VAL D 12 24.14 -13.96 17.29
C VAL D 12 24.89 -13.53 18.55
N SER D 13 26.17 -13.88 18.65
CA SER D 13 26.95 -13.47 19.80
C SER D 13 27.38 -12.03 19.54
N GLU D 14 27.52 -11.22 20.59
CA GLU D 14 27.90 -9.82 20.35
C GLU D 14 29.25 -9.68 19.67
N GLY D 15 29.39 -8.60 18.91
CA GLY D 15 30.62 -8.34 18.19
C GLY D 15 30.67 -9.12 16.88
N ALA D 16 29.80 -10.12 16.76
CA ALA D 16 29.74 -10.96 15.56
C ALA D 16 28.88 -10.36 14.45
N LEU D 17 28.80 -11.09 13.34
CA LEU D 17 28.03 -10.65 12.17
C LEU D 17 26.55 -10.94 12.25
N VAL D 18 25.74 -9.90 12.00
CA VAL D 18 24.30 -10.05 12.00
C VAL D 18 23.79 -10.13 10.56
N LEU D 19 23.02 -11.18 10.26
CA LEU D 19 22.46 -11.36 8.92
C LEU D 19 21.00 -11.82 8.98
N LEU D 20 20.08 -10.96 8.53
CA LEU D 20 18.65 -11.30 8.52
C LEU D 20 18.17 -11.36 7.09
N ARG D 21 17.70 -12.52 6.67
CA ARG D 21 17.24 -12.73 5.30
C ARG D 21 15.89 -12.17 4.88
N CYS D 22 15.85 -11.68 3.65
CA CYS D 22 14.63 -11.17 3.03
C CYS D 22 14.67 -11.37 1.52
N ASN D 23 13.71 -12.14 1.03
CA ASN D 23 13.58 -12.40 -0.39
C ASN D 23 12.20 -11.92 -0.83
N TYR D 24 12.07 -11.52 -2.08
CA TYR D 24 10.80 -11.00 -2.54
C TYR D 24 10.41 -11.49 -3.94
N SER D 25 9.16 -11.22 -4.31
CA SER D 25 8.62 -11.58 -5.62
C SER D 25 7.86 -10.34 -6.07
N SER D 26 8.12 -9.88 -7.29
CA SER D 26 7.42 -8.69 -7.77
C SER D 26 7.44 -8.61 -9.28
N SER D 27 6.28 -8.38 -9.88
CA SER D 27 6.15 -8.26 -11.33
C SER D 27 6.14 -6.79 -11.70
N VAL D 28 6.50 -5.95 -10.74
CA VAL D 28 6.53 -4.50 -10.94
C VAL D 28 7.74 -3.91 -10.17
N PRO D 29 8.18 -2.70 -10.54
CA PRO D 29 9.33 -2.12 -9.82
C PRO D 29 9.14 -2.20 -8.29
N PRO D 30 9.98 -2.99 -7.62
CA PRO D 30 9.99 -3.23 -6.17
C PRO D 30 10.45 -2.08 -5.29
N TYR D 31 9.85 -1.97 -4.11
CA TYR D 31 10.23 -0.97 -3.14
C TYR D 31 10.16 -1.75 -1.84
N LEU D 32 11.32 -1.97 -1.24
CA LEU D 32 11.41 -2.77 -0.02
C LEU D 32 11.66 -1.94 1.23
N PHE D 33 11.21 -2.46 2.37
CA PHE D 33 11.38 -1.77 3.65
C PHE D 33 11.81 -2.72 4.76
N TRP D 34 12.62 -2.23 5.67
CA TRP D 34 13.04 -3.04 6.80
C TRP D 34 12.58 -2.29 8.04
N TYR D 35 11.71 -2.92 8.81
CA TYR D 35 11.21 -2.31 10.03
C TYR D 35 11.78 -3.07 11.20
N VAL D 36 11.92 -2.38 12.33
CA VAL D 36 12.42 -3.03 13.55
C VAL D 36 11.49 -2.72 14.73
N GLN D 37 11.28 -3.72 15.57
CA GLN D 37 10.45 -3.52 16.73
C GLN D 37 11.19 -3.87 18.03
N TYR D 38 11.84 -2.86 18.62
CA TYR D 38 12.55 -3.05 19.87
C TYR D 38 11.49 -3.34 20.93
N PRO D 39 11.84 -4.09 21.97
CA PRO D 39 10.89 -4.44 23.04
C PRO D 39 10.04 -3.28 23.57
N ASN D 40 8.76 -3.56 23.76
CA ASN D 40 7.81 -2.57 24.26
C ASN D 40 7.77 -1.31 23.41
N GLN D 41 7.95 -1.45 22.11
CA GLN D 41 7.91 -0.30 21.22
C GLN D 41 7.22 -0.64 19.92
N GLY D 42 6.84 0.40 19.18
CA GLY D 42 6.18 0.19 17.90
C GLY D 42 7.20 0.06 16.79
N LEU D 43 6.75 -0.39 15.63
CA LEU D 43 7.64 -0.56 14.49
C LEU D 43 8.31 0.72 14.04
N GLN D 44 9.61 0.64 13.77
CA GLN D 44 10.35 1.80 13.29
C GLN D 44 10.96 1.43 11.95
N LEU D 45 10.99 2.38 11.04
CA LEU D 45 11.57 2.16 9.72
C LEU D 45 13.09 2.18 9.90
N LEU D 46 13.76 1.10 9.51
CA LEU D 46 15.22 1.04 9.62
C LEU D 46 15.82 1.67 8.39
N LEU D 47 15.44 1.14 7.23
CA LEU D 47 15.91 1.65 5.96
C LEU D 47 15.01 1.17 4.86
N LYS D 48 15.21 1.70 3.65
CA LYS D 48 14.36 1.31 2.54
C LYS D 48 15.09 1.40 1.21
N TYR D 49 14.65 0.56 0.27
CA TYR D 49 15.21 0.54 -1.07
C TYR D 49 14.25 1.29 -2.00
N THR D 50 14.69 2.41 -2.56
CA THR D 50 13.84 3.19 -3.45
C THR D 50 14.34 3.14 -4.91
N SER D 51 15.39 2.36 -5.15
CA SER D 51 16.00 2.19 -6.46
C SER D 51 17.00 3.32 -6.72
N ALA D 52 17.14 4.22 -5.76
CA ALA D 52 18.07 5.33 -5.92
C ALA D 52 19.48 4.83 -5.76
N ALA D 53 19.62 3.68 -5.08
CA ALA D 53 20.92 3.09 -4.83
C ALA D 53 20.76 1.62 -4.44
N THR D 54 21.69 0.79 -4.90
CA THR D 54 21.61 -0.63 -4.61
C THR D 54 22.03 -0.97 -3.18
N LEU D 55 22.95 -0.18 -2.63
CA LEU D 55 23.39 -0.41 -1.25
C LEU D 55 22.77 0.66 -0.36
N VAL D 56 21.85 0.26 0.50
CA VAL D 56 21.18 1.21 1.38
C VAL D 56 21.73 1.16 2.79
N LYS D 57 22.11 2.31 3.31
CA LYS D 57 22.64 2.41 4.66
C LYS D 57 21.55 2.93 5.57
N GLY D 58 21.30 2.23 6.66
CA GLY D 58 20.26 2.66 7.56
C GLY D 58 20.71 3.21 8.88
N ILE D 59 19.74 3.42 9.76
CA ILE D 59 20.02 3.96 11.07
C ILE D 59 20.50 2.83 11.97
N ASN D 60 20.99 3.20 13.14
CA ASN D 60 21.47 2.25 14.13
C ASN D 60 22.56 1.30 13.62
N GLY D 61 23.27 1.72 12.58
CA GLY D 61 24.38 0.91 12.05
C GLY D 61 24.05 -0.22 11.09
N PHE D 62 22.82 -0.31 10.64
CA PHE D 62 22.42 -1.38 9.72
C PHE D 62 22.63 -1.06 8.24
N GLU D 63 22.69 -2.11 7.44
CA GLU D 63 22.93 -2.00 6.00
C GLU D 63 22.14 -3.07 5.25
N ALA D 64 21.81 -2.82 3.99
CA ALA D 64 21.09 -3.79 3.17
C ALA D 64 21.40 -3.58 1.68
N GLU D 65 21.60 -4.68 0.95
CA GLU D 65 21.91 -4.57 -0.47
C GLU D 65 20.83 -5.21 -1.34
N PHE D 66 20.28 -4.42 -2.25
CA PHE D 66 19.26 -4.90 -3.16
C PHE D 66 19.97 -5.70 -4.26
N LYS D 67 19.60 -6.97 -4.40
CA LYS D 67 20.18 -7.85 -5.42
C LYS D 67 19.08 -8.36 -6.34
N LYS D 68 18.83 -7.64 -7.42
CA LYS D 68 17.80 -8.00 -8.37
C LYS D 68 17.94 -9.45 -8.83
N SER D 69 19.16 -9.85 -9.14
CA SER D 69 19.44 -11.21 -9.61
C SER D 69 19.05 -12.31 -8.61
N GLU D 70 19.28 -12.08 -7.32
CA GLU D 70 18.95 -13.06 -6.30
C GLU D 70 17.58 -12.74 -5.71
N THR D 71 16.98 -11.64 -6.17
CA THR D 71 15.69 -11.20 -5.67
C THR D 71 15.75 -11.16 -4.12
N SER D 72 16.81 -10.53 -3.60
CA SER D 72 17.06 -10.44 -2.16
C SER D 72 17.36 -9.03 -1.62
N PHE D 73 17.17 -8.87 -0.32
CA PHE D 73 17.40 -7.59 0.33
C PHE D 73 17.78 -7.88 1.79
N HIS D 74 18.87 -8.61 1.98
CA HIS D 74 19.30 -8.97 3.33
C HIS D 74 19.78 -7.83 4.21
N LEU D 75 19.32 -7.83 5.46
CA LEU D 75 19.71 -6.81 6.42
C LEU D 75 20.97 -7.31 7.14
N THR D 76 22.01 -6.50 7.15
CA THR D 76 23.25 -6.93 7.78
C THR D 76 23.92 -5.83 8.61
N LYS D 77 24.68 -6.26 9.61
CA LYS D 77 25.40 -5.38 10.52
C LYS D 77 26.68 -6.13 10.94
N PRO D 78 27.85 -5.48 10.85
CA PRO D 78 29.14 -6.06 11.21
C PRO D 78 29.31 -6.51 12.65
N SER D 79 28.97 -5.63 13.59
CA SER D 79 29.14 -5.90 15.01
C SER D 79 27.85 -5.85 15.83
N ALA D 80 27.38 -7.02 16.28
CA ALA D 80 26.15 -7.11 17.07
C ALA D 80 26.26 -6.42 18.44
N HIS D 81 25.30 -5.55 18.74
CA HIS D 81 25.26 -4.85 20.02
C HIS D 81 24.05 -5.37 20.80
N MET D 82 24.16 -5.49 22.11
CA MET D 82 23.06 -6.00 22.93
C MET D 82 21.73 -5.29 22.68
N SER D 83 21.80 -4.03 22.28
CA SER D 83 20.60 -3.26 22.03
C SER D 83 19.98 -3.49 20.64
N ASP D 84 20.45 -4.50 19.93
CA ASP D 84 19.90 -4.84 18.62
C ASP D 84 18.89 -5.96 18.78
N ALA D 85 18.77 -6.48 20.00
CA ALA D 85 17.81 -7.54 20.28
C ALA D 85 16.42 -7.00 20.00
N ALA D 86 15.78 -7.57 18.99
CA ALA D 86 14.45 -7.13 18.62
C ALA D 86 13.90 -8.04 17.55
N GLU D 87 12.76 -7.63 17.00
CA GLU D 87 12.13 -8.39 15.94
C GLU D 87 12.25 -7.50 14.71
N TYR D 88 12.66 -8.09 13.60
CA TYR D 88 12.84 -7.34 12.37
C TYR D 88 11.86 -7.82 11.30
N PHE D 89 11.25 -6.86 10.62
CA PHE D 89 10.28 -7.15 9.59
C PHE D 89 10.67 -6.57 8.26
N CYS D 90 10.58 -7.39 7.22
CA CYS D 90 10.88 -6.96 5.85
C CYS D 90 9.54 -6.76 5.14
N ALA D 91 9.44 -5.73 4.31
CA ALA D 91 8.18 -5.48 3.60
C ALA D 91 8.42 -5.03 2.16
N VAL D 92 7.44 -5.31 1.30
CA VAL D 92 7.52 -4.94 -0.09
C VAL D 92 6.27 -4.15 -0.45
N SER D 93 6.41 -3.23 -1.41
CA SER D 93 5.28 -2.42 -1.86
C SER D 93 5.38 -2.09 -3.34
N GLU D 94 4.25 -1.73 -3.95
CA GLU D 94 4.23 -1.37 -5.36
C GLU D 94 4.40 0.12 -5.51
N SER D 95 4.19 0.87 -4.43
CA SER D 95 4.33 2.32 -4.42
C SER D 95 5.75 2.71 -4.01
N PRO D 96 6.29 3.78 -4.65
CA PRO D 96 7.64 4.31 -4.41
C PRO D 96 7.88 4.92 -3.04
N PHE D 97 6.79 5.24 -2.33
CA PHE D 97 6.89 5.85 -1.00
C PHE D 97 6.35 4.97 0.12
N GLY D 98 5.88 3.78 -0.22
CA GLY D 98 5.33 2.92 0.81
C GLY D 98 4.08 3.50 1.44
N ASN D 99 3.32 4.29 0.68
CA ASN D 99 2.11 4.89 1.21
C ASN D 99 0.86 4.14 0.78
N GLU D 100 1.03 3.10 -0.02
CA GLU D 100 -0.09 2.26 -0.44
C GLU D 100 0.23 0.89 0.14
N LYS D 101 -0.76 0.02 0.27
CA LYS D 101 -0.53 -1.26 0.94
C LYS D 101 0.83 -1.95 0.80
N LEU D 102 1.38 -2.28 1.97
CA LEU D 102 2.67 -2.94 2.10
C LEU D 102 2.40 -4.39 2.46
N THR D 103 3.23 -5.28 1.94
CA THR D 103 3.10 -6.70 2.24
C THR D 103 4.30 -7.07 3.13
N PHE D 104 4.00 -7.47 4.38
CA PHE D 104 5.03 -7.82 5.37
C PHE D 104 5.48 -9.28 5.48
N GLY D 105 6.76 -9.47 5.75
CA GLY D 105 7.28 -10.81 5.91
C GLY D 105 6.86 -11.30 7.28
N THR D 106 7.15 -12.56 7.58
CA THR D 106 6.79 -13.15 8.85
C THR D 106 7.62 -12.63 10.03
N GLY D 107 8.70 -11.92 9.74
CA GLY D 107 9.54 -11.37 10.79
C GLY D 107 10.56 -12.32 11.39
N THR D 108 11.64 -11.73 11.92
CA THR D 108 12.71 -12.47 12.57
C THR D 108 13.03 -11.87 13.92
N ARG D 109 13.11 -12.72 14.93
CA ARG D 109 13.44 -12.26 16.26
C ARG D 109 14.96 -12.41 16.42
N LEU D 110 15.65 -11.30 16.66
CA LEU D 110 17.10 -11.36 16.81
C LEU D 110 17.52 -11.38 18.27
N THR D 111 18.17 -12.47 18.69
CA THR D 111 18.65 -12.59 20.06
C THR D 111 20.19 -12.48 20.09
N ILE D 112 20.68 -11.60 20.94
CA ILE D 112 22.12 -11.39 21.10
C ILE D 112 22.65 -12.14 22.33
N ILE D 113 23.53 -13.11 22.10
CA ILE D 113 24.13 -13.86 23.20
C ILE D 113 25.38 -13.16 23.68
N PRO D 114 25.40 -12.77 24.96
CA PRO D 114 26.58 -12.07 25.49
C PRO D 114 27.69 -13.04 25.94
N ASN D 115 28.93 -12.59 25.84
CA ASN D 115 30.08 -13.37 26.28
C ASN D 115 30.21 -13.14 27.78
N ILE D 116 29.93 -14.18 28.57
CA ILE D 116 30.03 -14.06 30.01
C ILE D 116 31.51 -14.19 30.33
N GLN D 117 32.13 -13.06 30.67
CA GLN D 117 33.55 -13.03 30.96
C GLN D 117 34.00 -13.73 32.24
N ASN D 118 33.18 -13.66 33.28
CA ASN D 118 33.54 -14.32 34.52
C ASN D 118 32.45 -15.26 34.99
N PRO D 119 32.34 -16.42 34.34
CA PRO D 119 31.32 -17.39 34.74
C PRO D 119 31.41 -17.54 36.24
N ASP D 120 30.32 -17.94 36.89
CA ASP D 120 30.31 -18.08 38.33
C ASP D 120 29.03 -18.81 38.72
N PRO D 121 28.74 -19.91 38.00
CA PRO D 121 27.56 -20.74 38.20
C PRO D 121 27.11 -20.75 39.64
N ALA D 122 25.81 -20.61 39.89
CA ALA D 122 25.30 -20.61 41.25
C ALA D 122 23.77 -20.69 41.38
N VAL D 123 23.31 -21.38 42.41
CA VAL D 123 21.88 -21.49 42.65
C VAL D 123 21.65 -20.93 44.05
N TYR D 124 20.94 -19.80 44.13
CA TYR D 124 20.68 -19.13 45.41
C TYR D 124 19.22 -19.21 45.79
N GLN D 125 18.96 -19.00 47.08
CA GLN D 125 17.59 -18.99 47.54
C GLN D 125 17.26 -17.58 48.03
N LEU D 126 16.02 -17.15 47.80
CA LEU D 126 15.56 -15.83 48.21
C LEU D 126 14.31 -16.01 49.07
N ARG D 127 13.88 -14.96 49.77
CA ARG D 127 12.69 -15.07 50.62
C ARG D 127 11.76 -13.87 50.54
N SER D 131 5.09 -13.01 52.02
CA SER D 131 3.73 -12.74 51.53
C SER D 131 3.15 -13.82 50.60
N SER D 132 4.04 -14.50 49.86
CA SER D 132 3.63 -15.56 48.93
C SER D 132 3.84 -16.95 49.55
N ASP D 133 3.03 -17.92 49.15
CA ASP D 133 3.15 -19.30 49.66
C ASP D 133 4.34 -19.99 49.02
N LYS D 134 5.15 -19.23 48.31
CA LYS D 134 6.31 -19.77 47.63
C LYS D 134 7.63 -19.32 48.24
N SER D 135 8.68 -19.95 47.73
CA SER D 135 10.07 -19.69 48.08
C SER D 135 10.65 -19.81 46.68
N VAL D 136 11.55 -18.92 46.29
CA VAL D 136 12.07 -19.01 44.95
C VAL D 136 13.57 -19.22 44.90
N CYS D 137 14.03 -19.96 43.89
CA CYS D 137 15.44 -20.24 43.70
C CYS D 137 15.96 -19.54 42.47
N LEU D 138 17.16 -18.97 42.59
CA LEU D 138 17.75 -18.26 41.49
C LEU D 138 19.02 -18.97 41.01
N PHE D 139 19.03 -19.35 39.73
CA PHE D 139 20.16 -20.00 39.09
C PHE D 139 20.73 -18.87 38.24
N THR D 140 21.91 -18.42 38.57
CA THR D 140 22.46 -17.29 37.83
C THR D 140 23.95 -17.34 37.55
N ASP D 141 24.41 -16.39 36.76
CA ASP D 141 25.82 -16.26 36.44
C ASP D 141 26.49 -17.39 35.67
N PHE D 142 25.72 -18.23 35.01
CA PHE D 142 26.31 -19.31 34.22
C PHE D 142 26.73 -18.76 32.87
N ASP D 143 27.65 -19.45 32.20
CA ASP D 143 28.12 -18.99 30.89
C ASP D 143 27.03 -19.23 29.85
N SER D 144 27.15 -18.56 28.72
CA SER D 144 26.14 -18.63 27.67
C SER D 144 26.04 -19.93 26.87
N GLN D 145 26.24 -21.07 27.52
CA GLN D 145 26.14 -22.35 26.83
C GLN D 145 25.35 -23.33 27.69
N THR D 146 25.04 -22.87 28.89
CA THR D 146 24.26 -23.67 29.81
C THR D 146 22.83 -23.52 29.31
N ASN D 147 22.09 -24.61 29.35
CA ASN D 147 20.71 -24.57 28.90
C ASN D 147 19.86 -25.04 30.06
N VAL D 148 18.84 -24.27 30.37
CA VAL D 148 17.95 -24.60 31.46
C VAL D 148 16.79 -25.41 30.93
N SER D 149 16.60 -26.62 31.45
CA SER D 149 15.51 -27.48 30.99
C SER D 149 14.27 -27.13 31.78
N GLN D 150 13.10 -27.54 31.28
CA GLN D 150 11.85 -27.27 31.97
C GLN D 150 11.73 -28.22 33.16
N SER D 151 10.97 -27.82 34.17
CA SER D 151 10.81 -28.63 35.38
C SER D 151 10.39 -30.07 35.14
N LYS D 152 10.85 -30.95 36.03
CA LYS D 152 10.53 -32.36 35.96
C LYS D 152 9.22 -32.59 36.70
N ASP D 153 8.76 -31.56 37.41
CA ASP D 153 7.52 -31.65 38.16
C ASP D 153 6.52 -30.64 37.61
N SER D 154 5.25 -31.02 37.58
CA SER D 154 4.20 -30.15 37.06
C SER D 154 3.70 -29.14 38.08
N ASP D 155 4.13 -29.28 39.33
CA ASP D 155 3.73 -28.34 40.37
C ASP D 155 4.97 -27.49 40.75
N VAL D 156 5.99 -27.54 39.88
CA VAL D 156 7.23 -26.76 40.05
C VAL D 156 7.45 -25.88 38.81
N TYR D 157 7.62 -24.57 39.02
CA TYR D 157 7.80 -23.68 37.88
C TYR D 157 9.23 -23.21 37.67
N ILE D 158 9.70 -23.33 36.43
CA ILE D 158 11.04 -22.92 36.06
C ILE D 158 10.93 -22.11 34.78
N THR D 159 11.38 -20.86 34.83
CA THR D 159 11.33 -19.98 33.68
C THR D 159 12.48 -20.33 32.75
N ASP D 160 12.54 -19.70 31.58
CA ASP D 160 13.63 -19.94 30.63
C ASP D 160 14.76 -19.01 31.07
N LYS D 161 15.93 -19.15 30.48
CA LYS D 161 17.00 -18.27 30.89
C LYS D 161 16.88 -16.94 30.17
N THR D 162 17.22 -15.86 30.87
CA THR D 162 17.19 -14.54 30.30
C THR D 162 18.46 -13.79 30.72
N VAL D 163 18.80 -12.75 29.99
CA VAL D 163 19.99 -11.96 30.29
C VAL D 163 19.55 -10.62 30.83
N LEU D 164 20.27 -10.09 31.80
CA LEU D 164 19.98 -8.76 32.32
C LEU D 164 21.34 -8.08 32.22
N ASP D 165 21.33 -6.79 31.91
CA ASP D 165 22.56 -6.05 31.71
C ASP D 165 22.68 -4.84 32.62
N MET D 166 23.72 -4.82 33.44
CA MET D 166 23.97 -3.69 34.32
C MET D 166 24.91 -2.75 33.57
N ARG D 167 24.30 -1.85 32.80
CA ARG D 167 25.02 -0.88 31.99
C ARG D 167 26.09 -0.10 32.74
N SER D 168 25.73 0.47 33.88
CA SER D 168 26.67 1.27 34.67
C SER D 168 28.00 0.56 34.94
N MET D 169 27.95 -0.77 35.13
CA MET D 169 29.14 -1.56 35.43
C MET D 169 29.67 -2.44 34.30
N ASP D 170 29.12 -2.26 33.10
CA ASP D 170 29.55 -3.06 31.95
C ASP D 170 29.55 -4.56 32.31
N PHE D 171 28.52 -4.99 33.03
CA PHE D 171 28.41 -6.38 33.47
C PHE D 171 27.12 -7.01 32.96
N LYS D 172 27.17 -8.30 32.67
CA LYS D 172 26.01 -9.01 32.17
C LYS D 172 25.90 -10.36 32.85
N SER D 173 24.70 -10.86 33.01
CA SER D 173 24.50 -12.16 33.64
C SER D 173 23.28 -12.86 33.08
N ASN D 174 23.30 -14.18 33.11
CA ASN D 174 22.21 -15.01 32.63
C ASN D 174 21.52 -15.54 33.86
N SER D 175 20.20 -15.78 33.81
CA SER D 175 19.53 -16.36 34.97
C SER D 175 18.22 -17.03 34.65
N ALA D 176 17.76 -17.83 35.60
CA ALA D 176 16.50 -18.53 35.48
C ALA D 176 15.95 -18.62 36.89
N VAL D 177 14.64 -18.76 37.01
CA VAL D 177 14.05 -18.84 38.34
C VAL D 177 13.11 -20.01 38.45
N ALA D 178 13.20 -20.69 39.57
CA ALA D 178 12.33 -21.84 39.85
C ALA D 178 11.66 -21.53 41.16
N TRP D 179 10.44 -21.97 41.33
CA TRP D 179 9.76 -21.73 42.58
C TRP D 179 8.69 -22.76 42.71
N SER D 180 8.25 -22.97 43.95
CA SER D 180 7.19 -23.92 44.20
C SER D 180 6.76 -23.74 45.62
N ASN D 181 5.74 -24.50 46.00
CA ASN D 181 5.19 -24.45 47.32
C ASN D 181 5.12 -25.85 47.92
N LYS D 182 5.67 -26.83 47.21
CA LYS D 182 5.71 -28.19 47.73
C LYS D 182 6.75 -28.14 48.85
N SER D 183 6.55 -28.92 49.90
CA SER D 183 7.50 -28.90 51.01
C SER D 183 8.85 -29.47 50.57
N ASP D 184 8.81 -30.60 49.86
CA ASP D 184 10.01 -31.25 49.39
C ASP D 184 10.85 -30.40 48.43
N PHE D 185 10.24 -29.38 47.84
CA PHE D 185 10.96 -28.51 46.92
C PHE D 185 12.07 -27.75 47.66
N ALA D 186 13.31 -28.02 47.26
CA ALA D 186 14.48 -27.39 47.86
C ALA D 186 15.36 -26.87 46.75
N CYS D 187 15.98 -25.72 46.95
CA CYS D 187 16.82 -25.14 45.92
C CYS D 187 17.98 -26.02 45.48
N ALA D 188 18.32 -26.99 46.31
CA ALA D 188 19.43 -27.88 45.97
C ALA D 188 19.12 -28.69 44.71
N ASN D 189 17.90 -29.20 44.62
CA ASN D 189 17.48 -30.03 43.49
C ASN D 189 16.56 -29.38 42.43
N ALA D 190 16.13 -28.14 42.66
CA ALA D 190 15.22 -27.46 41.73
C ALA D 190 15.62 -27.55 40.27
N PHE D 191 16.86 -27.20 39.95
CA PHE D 191 17.30 -27.25 38.58
C PHE D 191 17.96 -28.57 38.20
N ASN D 192 17.43 -29.66 38.74
CA ASN D 192 17.97 -31.00 38.47
C ASN D 192 18.14 -31.41 37.01
N ASN D 193 18.19 -30.44 36.07
CA ASN D 193 18.36 -30.76 34.65
C ASN D 193 19.56 -30.13 33.92
N SER D 194 20.70 -30.81 34.05
CA SER D 194 21.98 -30.47 33.43
C SER D 194 22.61 -29.11 33.64
N ILE D 195 23.23 -28.94 34.79
CA ILE D 195 23.89 -27.70 35.17
C ILE D 195 25.37 -28.01 35.42
N ILE D 196 26.19 -26.97 35.39
CA ILE D 196 27.63 -27.05 35.61
C ILE D 196 28.01 -27.78 36.91
N PRO D 197 29.05 -28.62 36.88
CA PRO D 197 29.43 -29.34 38.10
C PRO D 197 29.98 -28.31 39.09
N GLU D 198 30.44 -27.21 38.51
CA GLU D 198 31.02 -26.07 39.20
C GLU D 198 30.06 -25.21 40.04
N ASP D 199 28.83 -25.04 39.57
CA ASP D 199 27.86 -24.20 40.26
C ASP D 199 27.77 -24.36 41.79
N THR D 200 27.78 -23.22 42.48
CA THR D 200 27.74 -23.13 43.94
C THR D 200 26.37 -23.32 44.60
N PHE D 201 26.34 -23.42 45.93
CA PHE D 201 25.07 -23.56 46.66
C PHE D 201 25.09 -22.86 48.05
N VAL E 1 1.61 14.46 13.38
CA VAL E 1 1.43 13.22 12.55
C VAL E 1 1.20 11.99 13.45
N LYS E 2 -0.03 11.82 13.95
CA LYS E 2 -0.34 10.69 14.82
C LYS E 2 -1.62 9.93 14.50
N VAL E 3 -1.55 8.61 14.66
CA VAL E 3 -2.67 7.73 14.43
C VAL E 3 -3.06 7.19 15.79
N THR E 4 -4.26 7.48 16.25
CA THR E 4 -4.63 6.96 17.56
C THR E 4 -5.72 5.88 17.53
N GLN E 5 -5.45 4.81 18.27
CA GLN E 5 -6.36 3.69 18.39
C GLN E 5 -7.05 3.80 19.74
N SER E 6 -8.35 3.53 19.73
CA SER E 6 -9.19 3.62 20.93
C SER E 6 -8.57 3.05 22.21
N SER E 7 -8.43 1.74 22.26
CA SER E 7 -7.91 1.08 23.43
C SER E 7 -6.59 0.36 23.22
N ARG E 8 -5.82 0.23 24.30
CA ARG E 8 -4.55 -0.46 24.23
C ARG E 8 -4.80 -1.94 24.49
N TYR E 9 -5.81 -2.24 25.30
CA TYR E 9 -6.16 -3.62 25.61
C TYR E 9 -7.67 -3.84 25.70
N LEU E 10 -8.09 -5.06 25.42
CA LEU E 10 -9.49 -5.41 25.48
C LEU E 10 -9.67 -6.89 25.74
N VAL E 11 -10.68 -7.22 26.53
CA VAL E 11 -11.02 -8.61 26.78
C VAL E 11 -12.49 -8.72 26.32
N LYS E 12 -12.79 -9.74 25.52
CA LYS E 12 -14.14 -9.94 25.03
C LYS E 12 -14.50 -11.41 25.00
N ARG E 13 -15.79 -11.71 25.08
CA ARG E 13 -16.27 -13.09 25.06
C ARG E 13 -16.61 -13.55 23.65
N THR E 14 -16.43 -14.83 23.38
CA THR E 14 -16.72 -15.40 22.07
C THR E 14 -18.14 -15.00 21.66
N GLY E 15 -18.41 -15.02 20.37
CA GLY E 15 -19.74 -14.67 19.88
C GLY E 15 -20.13 -13.21 19.93
N GLU E 16 -19.46 -12.44 20.78
CA GLU E 16 -19.74 -11.02 20.91
C GLU E 16 -19.30 -10.25 19.66
N LYS E 17 -19.88 -9.08 19.46
CA LYS E 17 -19.55 -8.22 18.33
C LYS E 17 -18.60 -7.16 18.87
N VAL E 18 -17.37 -7.14 18.34
CA VAL E 18 -16.36 -6.20 18.81
C VAL E 18 -16.00 -5.12 17.79
N PHE E 19 -15.81 -3.91 18.28
CA PHE E 19 -15.43 -2.76 17.47
C PHE E 19 -14.06 -2.20 17.87
N LEU E 20 -13.12 -2.15 16.94
CA LEU E 20 -11.80 -1.59 17.21
C LEU E 20 -11.73 -0.30 16.42
N GLU E 21 -11.47 0.82 17.12
CA GLU E 21 -11.42 2.11 16.47
C GLU E 21 -10.04 2.60 16.07
N CYS E 22 -10.01 3.40 15.01
CA CYS E 22 -8.79 4.02 14.52
C CYS E 22 -9.13 5.38 13.93
N VAL E 23 -8.46 6.41 14.41
CA VAL E 23 -8.73 7.75 13.93
C VAL E 23 -7.42 8.52 13.73
N GLN E 24 -7.38 9.30 12.67
CA GLN E 24 -6.21 10.13 12.38
C GLN E 24 -6.71 11.48 11.92
N ASP E 25 -6.00 12.51 12.32
CA ASP E 25 -6.37 13.89 12.01
C ASP E 25 -5.42 14.57 11.03
N MET E 26 -4.85 13.80 10.12
CA MET E 26 -3.90 14.37 9.15
C MET E 26 -4.51 14.45 7.77
N ASP E 27 -5.79 14.13 7.68
CA ASP E 27 -6.50 14.15 6.40
C ASP E 27 -5.85 13.14 5.44
N HIS E 28 -5.42 12.00 5.98
CA HIS E 28 -4.82 10.96 5.15
C HIS E 28 -5.93 10.21 4.44
N GLU E 29 -5.72 9.88 3.17
CA GLU E 29 -6.72 9.16 2.39
C GLU E 29 -6.70 7.66 2.65
N ASN E 30 -5.52 7.13 2.98
CA ASN E 30 -5.37 5.70 3.19
C ASN E 30 -5.24 5.21 4.63
N MET E 31 -6.04 4.19 4.96
CA MET E 31 -6.01 3.61 6.28
C MET E 31 -6.06 2.10 6.13
N PHE E 32 -5.31 1.39 6.95
CA PHE E 32 -5.27 -0.06 6.87
C PHE E 32 -5.36 -0.69 8.26
N TRP E 33 -5.77 -1.94 8.29
CA TRP E 33 -5.86 -2.71 9.51
C TRP E 33 -5.05 -3.99 9.32
N TYR E 34 -4.13 -4.25 10.23
CA TYR E 34 -3.32 -5.46 10.18
C TYR E 34 -3.39 -6.12 11.54
N ARG E 35 -3.17 -7.42 11.59
CA ARG E 35 -3.12 -8.08 12.88
C ARG E 35 -1.71 -8.67 12.93
N GLN E 36 -1.11 -8.65 14.11
CA GLN E 36 0.24 -9.14 14.26
C GLN E 36 0.26 -10.36 15.19
N ASP E 37 0.81 -11.46 14.71
CA ASP E 37 0.89 -12.69 15.49
C ASP E 37 2.28 -13.31 15.29
N PRO E 38 2.84 -13.89 16.35
CA PRO E 38 4.16 -14.54 16.38
C PRO E 38 4.36 -15.54 15.25
N GLY E 39 5.42 -15.37 14.48
CA GLY E 39 5.69 -16.29 13.39
C GLY E 39 4.85 -16.05 12.14
N LEU E 40 4.01 -15.01 12.15
CA LEU E 40 3.17 -14.72 10.98
C LEU E 40 3.35 -13.26 10.53
N GLY E 41 4.07 -12.48 11.34
CA GLY E 41 4.31 -11.08 11.01
C GLY E 41 3.05 -10.24 11.04
N LEU E 42 2.94 -9.34 10.07
CA LEU E 42 1.76 -8.48 9.96
C LEU E 42 0.95 -8.90 8.72
N ARG E 43 -0.29 -9.30 8.95
CA ARG E 43 -1.17 -9.70 7.87
C ARG E 43 -2.28 -8.67 7.72
N LEU E 44 -2.48 -8.23 6.47
CA LEU E 44 -3.46 -7.21 6.10
C LEU E 44 -4.91 -7.73 6.14
N ILE E 45 -5.72 -7.19 7.05
CA ILE E 45 -7.12 -7.62 7.17
C ILE E 45 -8.03 -6.90 6.18
N TYR E 46 -7.99 -5.57 6.20
CA TYR E 46 -8.79 -4.72 5.32
C TYR E 46 -8.09 -3.39 5.17
N PHE E 47 -8.39 -2.68 4.09
CA PHE E 47 -7.83 -1.36 3.85
C PHE E 47 -8.81 -0.48 3.11
N SER E 48 -8.56 0.81 3.13
CA SER E 48 -9.44 1.79 2.49
C SER E 48 -8.62 2.93 1.92
N TYR E 49 -8.98 3.38 0.72
CA TYR E 49 -8.24 4.45 0.06
C TYR E 49 -9.08 5.71 -0.05
N ASP E 50 -10.29 5.67 0.49
CA ASP E 50 -11.16 6.84 0.42
C ASP E 50 -12.39 6.61 1.27
N VAL E 51 -13.16 7.67 1.48
CA VAL E 51 -14.38 7.55 2.24
C VAL E 51 -15.27 6.51 1.56
N LYS E 52 -15.94 5.69 2.36
CA LYS E 52 -16.84 4.64 1.86
C LYS E 52 -16.17 3.52 1.08
N MET E 53 -14.85 3.56 0.91
CA MET E 53 -14.16 2.50 0.17
C MET E 53 -13.67 1.40 1.11
N LYS E 54 -13.98 0.16 0.78
CA LYS E 54 -13.58 -0.98 1.59
C LYS E 54 -12.97 -2.00 0.65
N GLU E 55 -11.80 -2.51 1.01
CA GLU E 55 -11.12 -3.51 0.19
C GLU E 55 -10.60 -4.63 1.06
N LYS E 56 -11.01 -5.85 0.73
CA LYS E 56 -10.59 -7.00 1.48
C LYS E 56 -9.07 -7.17 1.35
N GLY E 57 -8.43 -7.42 2.49
CA GLY E 57 -6.99 -7.61 2.52
C GLY E 57 -6.73 -9.08 2.24
N ASP E 58 -5.69 -9.63 2.84
CA ASP E 58 -5.41 -11.02 2.58
C ASP E 58 -6.15 -11.99 3.51
N ILE E 59 -6.61 -11.52 4.67
CA ILE E 59 -7.35 -12.36 5.61
C ILE E 59 -8.59 -11.64 6.15
N PRO E 60 -9.59 -11.39 5.28
CA PRO E 60 -10.84 -10.71 5.65
C PRO E 60 -11.84 -11.54 6.43
N GLU E 61 -11.78 -12.86 6.27
CA GLU E 61 -12.72 -13.75 6.92
C GLU E 61 -12.90 -13.47 8.40
N GLY E 62 -14.16 -13.27 8.81
CA GLY E 62 -14.45 -13.02 10.21
C GLY E 62 -14.46 -11.55 10.57
N TYR E 63 -14.02 -10.69 9.66
CA TYR E 63 -14.00 -9.25 9.93
C TYR E 63 -14.80 -8.45 8.91
N SER E 64 -14.92 -7.16 9.20
CA SER E 64 -15.61 -6.23 8.34
C SER E 64 -15.16 -4.85 8.78
N VAL E 65 -15.28 -3.86 7.91
CA VAL E 65 -14.84 -2.52 8.31
C VAL E 65 -15.88 -1.46 7.99
N SER E 66 -15.52 -0.22 8.23
CA SER E 66 -16.39 0.90 7.99
C SER E 66 -15.54 2.16 7.89
N ARG E 67 -15.74 2.94 6.82
CA ARG E 67 -15.01 4.18 6.59
C ARG E 67 -16.04 5.22 6.15
N GLU E 68 -16.76 5.77 7.11
CA GLU E 68 -17.79 6.76 6.82
C GLU E 68 -17.22 8.17 6.77
N LYS E 69 -16.25 8.43 7.62
CA LYS E 69 -15.57 9.71 7.66
C LYS E 69 -14.10 9.45 7.35
N LYS E 70 -13.46 10.39 6.69
CA LYS E 70 -12.07 10.23 6.29
C LYS E 70 -11.15 9.96 7.47
N GLU E 71 -11.44 10.62 8.59
CA GLU E 71 -10.65 10.49 9.80
C GLU E 71 -10.70 9.15 10.51
N ARG E 72 -11.79 8.42 10.35
CA ARG E 72 -11.97 7.16 11.05
C ARG E 72 -12.09 5.91 10.19
N PHE E 73 -11.43 4.85 10.65
CA PHE E 73 -11.49 3.56 9.97
C PHE E 73 -11.71 2.52 11.07
N SER E 74 -12.94 2.03 11.16
CA SER E 74 -13.33 1.06 12.17
C SER E 74 -13.25 -0.39 11.73
N LEU E 75 -12.66 -1.21 12.59
CA LEU E 75 -12.53 -2.64 12.31
C LEU E 75 -13.61 -3.35 13.10
N ILE E 76 -14.31 -4.29 12.48
CA ILE E 76 -15.40 -4.96 13.16
C ILE E 76 -15.33 -6.47 13.15
N LEU E 77 -15.54 -7.08 14.31
CA LEU E 77 -15.56 -8.53 14.47
C LEU E 77 -17.02 -8.87 14.74
N GLU E 78 -17.69 -9.47 13.75
CA GLU E 78 -19.10 -9.81 13.88
C GLU E 78 -19.41 -10.78 15.02
N SER E 79 -18.76 -11.93 15.01
CA SER E 79 -18.94 -12.93 16.06
C SER E 79 -17.53 -13.35 16.48
N ALA E 80 -16.97 -12.61 17.43
CA ALA E 80 -15.61 -12.86 17.92
C ALA E 80 -15.31 -14.31 18.24
N SER E 81 -14.18 -14.79 17.75
CA SER E 81 -13.74 -16.15 18.00
C SER E 81 -12.36 -16.10 18.65
N THR E 82 -11.98 -17.15 19.38
CA THR E 82 -10.69 -17.13 20.06
C THR E 82 -9.50 -16.95 19.13
N ASN E 83 -9.58 -17.44 17.89
CA ASN E 83 -8.47 -17.29 16.97
C ASN E 83 -8.33 -15.85 16.47
N GLN E 84 -9.22 -14.96 16.92
CA GLN E 84 -9.11 -13.56 16.54
C GLN E 84 -8.39 -12.82 17.65
N THR E 85 -7.88 -13.58 18.62
CA THR E 85 -7.12 -13.01 19.73
C THR E 85 -5.84 -12.56 19.06
N SER E 86 -5.49 -11.28 19.18
CA SER E 86 -4.27 -10.82 18.52
C SER E 86 -3.93 -9.36 18.81
N MET E 87 -2.87 -8.87 18.18
CA MET E 87 -2.44 -7.48 18.28
C MET E 87 -2.87 -6.83 16.97
N TYR E 88 -3.80 -5.89 17.06
CA TYR E 88 -4.30 -5.19 15.88
C TYR E 88 -3.62 -3.85 15.69
N LEU E 89 -3.09 -3.66 14.49
CA LEU E 89 -2.39 -2.43 14.16
C LEU E 89 -3.05 -1.64 13.07
N CYS E 90 -3.24 -0.36 13.33
CA CYS E 90 -3.83 0.52 12.36
C CYS E 90 -2.70 1.34 11.75
N ALA E 91 -2.86 1.71 10.48
CA ALA E 91 -1.85 2.50 9.79
C ALA E 91 -2.56 3.45 8.83
N SER E 92 -1.98 4.63 8.64
CA SER E 92 -2.58 5.60 7.74
C SER E 92 -1.49 6.26 6.89
N SER E 93 -1.89 6.77 5.73
CA SER E 93 -0.96 7.41 4.82
C SER E 93 -1.75 8.02 3.70
N SER E 94 -1.05 8.69 2.79
CA SER E 94 -1.65 9.31 1.62
C SER E 94 -0.76 9.01 0.43
N THR E 95 -1.39 8.61 -0.69
CA THR E 95 -0.68 8.30 -1.92
C THR E 95 -0.03 9.59 -2.40
N GLY E 96 -0.59 10.72 -1.97
CA GLY E 96 -0.06 12.00 -2.39
C GLY E 96 0.95 12.59 -1.45
N LEU E 97 1.52 11.74 -0.58
CA LEU E 97 2.50 12.22 0.37
C LEU E 97 3.83 11.47 0.21
N PRO E 98 4.96 12.21 0.20
CA PRO E 98 6.35 11.74 0.05
C PRO E 98 6.89 10.79 1.11
N TYR E 99 6.01 10.13 1.85
CA TYR E 99 6.46 9.22 2.89
C TYR E 99 5.41 8.15 3.13
N GLY E 100 5.75 7.16 3.95
CA GLY E 100 4.79 6.09 4.14
C GLY E 100 3.94 5.99 5.39
N TYR E 101 3.72 4.74 5.77
CA TYR E 101 2.92 4.38 6.90
C TYR E 101 3.18 5.13 8.21
N THR E 102 2.10 5.38 8.93
CA THR E 102 2.15 5.98 10.24
C THR E 102 1.30 5.00 11.06
N PHE E 103 1.96 4.22 11.91
CA PHE E 103 1.29 3.22 12.75
C PHE E 103 0.68 3.79 14.01
N GLY E 104 -0.39 3.12 14.47
CA GLY E 104 -1.06 3.52 15.71
C GLY E 104 -0.39 2.73 16.83
N SER E 105 -0.76 2.99 18.07
CA SER E 105 -0.16 2.31 19.22
C SER E 105 -0.51 0.84 19.36
N GLY E 106 -1.40 0.34 18.50
CA GLY E 106 -1.77 -1.05 18.56
C GLY E 106 -2.87 -1.34 19.57
N THR E 107 -3.54 -2.47 19.39
CA THR E 107 -4.63 -2.86 20.30
C THR E 107 -4.61 -4.35 20.57
N ARG E 108 -4.23 -4.72 21.79
CA ARG E 108 -4.17 -6.12 22.16
C ARG E 108 -5.58 -6.56 22.52
N LEU E 109 -6.08 -7.54 21.77
CA LEU E 109 -7.41 -8.04 22.00
C LEU E 109 -7.37 -9.54 22.23
N THR E 110 -7.87 -9.96 23.38
CA THR E 110 -7.93 -11.37 23.70
C THR E 110 -9.38 -11.79 23.79
N VAL E 111 -9.76 -12.78 23.01
CA VAL E 111 -11.12 -13.29 22.98
C VAL E 111 -11.15 -14.55 23.83
N VAL E 112 -11.94 -14.54 24.88
CA VAL E 112 -12.06 -15.70 25.75
C VAL E 112 -13.50 -16.23 25.74
N GLU E 113 -13.67 -17.50 26.02
CA GLU E 113 -15.01 -18.07 26.03
C GLU E 113 -15.77 -17.74 27.31
N ASP E 114 -15.05 -17.61 28.42
CA ASP E 114 -15.69 -17.33 29.70
C ASP E 114 -15.05 -16.18 30.46
N LEU E 115 -15.77 -15.06 30.56
CA LEU E 115 -15.25 -13.91 31.29
C LEU E 115 -14.97 -14.22 32.76
N ASN E 116 -15.65 -15.21 33.32
CA ASN E 116 -15.42 -15.55 34.72
C ASN E 116 -14.04 -16.18 34.92
N LYS E 117 -13.28 -16.33 33.85
CA LYS E 117 -11.94 -16.90 33.94
C LYS E 117 -10.89 -15.79 34.05
N VAL E 118 -11.34 -14.54 34.03
CA VAL E 118 -10.43 -13.39 34.12
C VAL E 118 -10.04 -13.10 35.57
N PHE E 119 -8.74 -12.90 35.80
CA PHE E 119 -8.21 -12.65 37.12
C PHE E 119 -7.01 -11.72 37.12
N PRO E 120 -6.92 -10.82 38.11
CA PRO E 120 -5.81 -9.88 38.22
C PRO E 120 -4.66 -10.74 38.76
N PRO E 121 -3.43 -10.25 38.65
CA PRO E 121 -2.33 -11.07 39.17
C PRO E 121 -2.01 -10.67 40.60
N GLU E 122 -1.35 -11.57 41.33
CA GLU E 122 -0.92 -11.22 42.69
C GLU E 122 0.55 -10.92 42.47
N VAL E 123 1.10 -9.98 43.22
CA VAL E 123 2.50 -9.63 43.05
C VAL E 123 3.27 -9.79 44.36
N ALA E 124 4.47 -10.35 44.26
CA ALA E 124 5.31 -10.55 45.43
C ALA E 124 6.78 -10.37 45.07
N VAL E 125 7.50 -9.67 45.93
CA VAL E 125 8.92 -9.42 45.70
C VAL E 125 9.70 -10.31 46.65
N PHE E 126 10.86 -10.79 46.20
CA PHE E 126 11.68 -11.65 47.04
C PHE E 126 13.02 -10.95 47.13
N GLU E 127 13.44 -10.65 48.36
CA GLU E 127 14.68 -9.96 48.63
C GLU E 127 15.90 -10.81 48.29
N PRO E 128 17.03 -10.17 47.99
CA PRO E 128 18.29 -10.83 47.64
C PRO E 128 18.80 -11.85 48.66
N SER E 129 19.52 -12.85 48.15
CA SER E 129 20.10 -13.89 48.97
C SER E 129 21.41 -13.39 49.58
N GLU E 130 21.56 -13.54 50.89
CA GLU E 130 22.80 -13.10 51.55
C GLU E 130 24.01 -13.78 50.92
N ALA E 131 23.82 -15.05 50.57
CA ALA E 131 24.87 -15.84 49.94
C ALA E 131 25.37 -15.16 48.67
N GLU E 132 24.43 -14.82 47.78
CA GLU E 132 24.78 -14.15 46.53
C GLU E 132 25.52 -12.86 46.82
N ILE E 133 25.03 -12.11 47.80
CA ILE E 133 25.66 -10.84 48.18
C ILE E 133 27.12 -11.09 48.53
N SER E 134 27.35 -12.09 49.37
CA SER E 134 28.70 -12.44 49.81
C SER E 134 29.58 -13.00 48.70
N HIS E 135 29.02 -13.90 47.90
CA HIS E 135 29.77 -14.56 46.82
C HIS E 135 30.08 -13.70 45.59
N THR E 136 29.24 -12.69 45.31
CA THR E 136 29.41 -11.87 44.11
C THR E 136 29.41 -10.36 44.31
N GLN E 137 29.00 -9.90 45.50
CA GLN E 137 28.91 -8.47 45.80
C GLN E 137 27.81 -7.84 44.96
N LYS E 138 26.72 -8.59 44.76
CA LYS E 138 25.59 -8.11 43.99
C LYS E 138 24.32 -8.65 44.63
N ALA E 139 23.19 -8.01 44.35
CA ALA E 139 21.91 -8.43 44.93
C ALA E 139 20.77 -8.50 43.92
N THR E 140 20.30 -9.70 43.67
CA THR E 140 19.22 -9.89 42.72
C THR E 140 17.87 -10.01 43.41
N LEU E 141 16.95 -9.11 43.08
CA LEU E 141 15.61 -9.17 43.64
C LEU E 141 14.78 -9.85 42.57
N VAL E 142 13.72 -10.54 42.99
CA VAL E 142 12.87 -11.22 42.04
C VAL E 142 11.42 -10.83 42.22
N CYS E 143 10.74 -10.62 41.11
CA CYS E 143 9.34 -10.27 41.17
C CYS E 143 8.50 -11.38 40.58
N LEU E 144 7.43 -11.74 41.27
CA LEU E 144 6.54 -12.78 40.79
C LEU E 144 5.12 -12.29 40.65
N ALA E 145 4.64 -12.27 39.41
CA ALA E 145 3.27 -11.88 39.11
C ALA E 145 2.67 -13.24 38.79
N THR E 146 1.68 -13.64 39.58
CA THR E 146 1.06 -14.95 39.40
C THR E 146 -0.46 -14.92 39.40
N GLY E 147 -1.05 -16.01 38.91
CA GLY E 147 -2.49 -16.16 38.88
C GLY E 147 -3.30 -15.27 37.97
N PHE E 148 -2.68 -14.62 37.00
CA PHE E 148 -3.46 -13.75 36.12
C PHE E 148 -3.89 -14.40 34.82
N PHE E 149 -4.91 -13.79 34.21
CA PHE E 149 -5.48 -14.23 32.94
C PHE E 149 -6.46 -13.16 32.48
N PRO E 150 -6.44 -12.82 31.19
CA PRO E 150 -5.55 -13.39 30.18
C PRO E 150 -4.14 -12.82 30.36
N ASP E 151 -3.29 -12.94 29.35
CA ASP E 151 -1.91 -12.43 29.42
C ASP E 151 -1.84 -10.93 29.09
N HIS E 152 -2.48 -10.10 29.90
CA HIS E 152 -2.48 -8.65 29.71
C HIS E 152 -1.73 -7.93 30.85
N VAL E 153 -0.42 -8.11 30.93
CA VAL E 153 0.34 -7.47 32.00
C VAL E 153 1.55 -6.70 31.50
N GLU E 154 1.91 -5.67 32.26
CA GLU E 154 3.08 -4.86 31.99
C GLU E 154 3.74 -4.72 33.36
N LEU E 155 4.94 -5.26 33.50
CA LEU E 155 5.66 -5.23 34.75
C LEU E 155 6.81 -4.23 34.69
N SER E 156 6.95 -3.44 35.75
CA SER E 156 8.02 -2.44 35.82
C SER E 156 8.65 -2.37 37.21
N TRP E 157 9.92 -1.99 37.25
CA TRP E 157 10.68 -1.87 38.49
C TRP E 157 10.96 -0.41 38.76
N TRP E 158 10.66 0.01 39.98
CA TRP E 158 10.89 1.39 40.40
C TRP E 158 11.82 1.41 41.61
N VAL E 159 12.87 2.20 41.52
CA VAL E 159 13.84 2.33 42.60
C VAL E 159 13.86 3.79 42.98
N ASN E 160 13.56 4.06 44.25
CA ASN E 160 13.51 5.43 44.76
C ASN E 160 12.59 6.29 43.87
N GLY E 161 11.47 5.69 43.48
CA GLY E 161 10.49 6.37 42.68
C GLY E 161 10.78 6.57 41.21
N LYS E 162 11.92 6.09 40.74
CA LYS E 162 12.28 6.25 39.33
C LYS E 162 12.19 4.92 38.60
N GLU E 163 11.50 4.89 37.47
CA GLU E 163 11.37 3.65 36.71
C GLU E 163 12.76 3.25 36.23
N VAL E 164 13.13 2.00 36.48
CA VAL E 164 14.45 1.51 36.10
C VAL E 164 14.43 0.48 34.98
N HIS E 165 15.45 0.51 34.13
CA HIS E 165 15.58 -0.43 33.02
C HIS E 165 16.92 -1.18 33.08
N SER E 166 17.98 -0.48 33.44
CA SER E 166 19.28 -1.10 33.57
C SER E 166 19.23 -2.08 34.75
N GLY E 167 19.75 -3.28 34.55
CA GLY E 167 19.75 -4.27 35.60
C GLY E 167 18.49 -5.12 35.64
N VAL E 168 17.54 -4.83 34.76
CA VAL E 168 16.30 -5.59 34.74
C VAL E 168 16.24 -6.60 33.60
N SER E 169 15.55 -7.71 33.83
CA SER E 169 15.34 -8.72 32.82
C SER E 169 14.02 -9.42 33.15
N THR E 170 13.00 -9.16 32.33
CA THR E 170 11.68 -9.77 32.54
C THR E 170 11.50 -10.88 31.51
N ASP E 171 10.92 -12.00 31.94
CA ASP E 171 10.70 -13.14 31.04
C ASP E 171 9.93 -12.67 29.81
N PRO E 172 10.38 -13.07 28.62
CA PRO E 172 9.75 -12.69 27.34
C PRO E 172 8.33 -13.21 27.23
N GLN E 173 8.03 -14.29 27.96
CA GLN E 173 6.70 -14.87 27.95
C GLN E 173 6.36 -15.53 29.28
N PRO E 174 5.07 -15.56 29.64
CA PRO E 174 4.65 -16.17 30.90
C PRO E 174 4.62 -17.68 30.74
N LEU E 175 4.26 -18.37 31.81
CA LEU E 175 4.15 -19.81 31.76
C LEU E 175 2.82 -20.17 32.39
N LYS E 176 2.16 -21.17 31.82
CA LYS E 176 0.86 -21.62 32.30
C LYS E 176 1.01 -22.42 33.58
N GLU E 177 0.13 -22.13 34.54
CA GLU E 177 0.15 -22.83 35.82
C GLU E 177 -0.41 -24.25 35.67
N GLN E 178 -1.22 -24.46 34.63
CA GLN E 178 -1.80 -25.76 34.31
C GLN E 178 -1.80 -25.83 32.79
N PRO E 179 -0.64 -26.10 32.18
CA PRO E 179 -0.41 -26.20 30.74
C PRO E 179 -1.49 -26.90 29.93
N ALA E 180 -2.13 -27.89 30.52
CA ALA E 180 -3.18 -28.66 29.83
C ALA E 180 -4.42 -27.86 29.50
N LEU E 181 -4.82 -26.95 30.39
CA LEU E 181 -6.01 -26.12 30.19
C LEU E 181 -5.79 -24.96 29.22
N ASN E 182 -6.81 -24.65 28.43
CA ASN E 182 -6.71 -23.55 27.48
C ASN E 182 -7.16 -22.23 28.11
N ASP E 183 -7.62 -22.29 29.35
CA ASP E 183 -8.08 -21.11 30.08
C ASP E 183 -7.18 -20.89 31.29
N SER E 184 -6.11 -21.68 31.37
CA SER E 184 -5.17 -21.59 32.48
C SER E 184 -4.65 -20.19 32.77
N ARG E 185 -4.33 -19.96 34.03
CA ARG E 185 -3.79 -18.68 34.45
C ARG E 185 -2.29 -18.67 34.17
N TYR E 186 -1.69 -17.48 34.17
CA TYR E 186 -0.27 -17.33 33.90
C TYR E 186 0.53 -16.86 35.11
N SER E 187 1.85 -16.93 34.97
CA SER E 187 2.78 -16.47 35.99
C SER E 187 3.97 -15.85 35.25
N LEU E 188 4.49 -14.74 35.76
CA LEU E 188 5.60 -14.07 35.12
C LEU E 188 6.61 -13.69 36.20
N SER E 189 7.89 -13.77 35.86
CA SER E 189 8.95 -13.41 36.80
C SER E 189 9.85 -12.36 36.19
N SER E 190 10.61 -11.68 37.04
CA SER E 190 11.52 -10.64 36.61
C SER E 190 12.61 -10.45 37.65
N ARG E 191 13.75 -9.94 37.22
CA ARG E 191 14.88 -9.71 38.12
C ARG E 191 15.37 -8.28 38.03
N LEU E 192 15.84 -7.76 39.15
CA LEU E 192 16.42 -6.44 39.22
C LEU E 192 17.70 -6.68 39.98
N ARG E 193 18.85 -6.51 39.31
CA ARG E 193 20.12 -6.74 39.96
C ARG E 193 20.88 -5.45 40.22
N VAL E 194 21.21 -5.23 41.48
CA VAL E 194 21.95 -4.04 41.89
C VAL E 194 23.19 -4.44 42.69
N SER E 195 24.04 -3.46 42.99
CA SER E 195 25.26 -3.69 43.76
C SER E 195 24.87 -4.01 45.20
N ALA E 196 25.71 -4.79 45.87
CA ALA E 196 25.47 -5.15 47.26
C ALA E 196 25.34 -3.88 48.10
N THR E 197 26.22 -2.91 47.86
CA THR E 197 26.18 -1.67 48.61
C THR E 197 24.81 -1.00 48.50
N PHE E 198 24.33 -0.88 47.27
CA PHE E 198 23.04 -0.25 47.00
C PHE E 198 21.92 -0.94 47.75
N TRP E 199 21.93 -2.27 47.75
CA TRP E 199 20.90 -3.03 48.45
C TRP E 199 21.03 -2.94 49.97
N GLN E 200 22.26 -2.81 50.46
CA GLN E 200 22.46 -2.73 51.90
C GLN E 200 22.09 -1.38 52.49
N ASN E 201 21.65 -0.46 51.62
CA ASN E 201 21.25 0.87 52.08
C ASN E 201 19.77 0.85 52.44
N PRO E 202 19.43 1.04 53.72
CA PRO E 202 18.04 1.02 54.17
C PRO E 202 17.22 2.17 53.60
N ARG E 203 17.90 3.16 53.02
CA ARG E 203 17.21 4.31 52.44
C ARG E 203 16.65 4.04 51.04
N ASN E 204 17.23 3.06 50.34
CA ASN E 204 16.75 2.74 49.00
C ASN E 204 15.47 1.91 49.04
N HIS E 205 14.48 2.32 48.24
CA HIS E 205 13.17 1.66 48.16
C HIS E 205 13.01 0.99 46.78
N PHE E 206 12.64 -0.29 46.80
CA PHE E 206 12.46 -1.03 45.57
C PHE E 206 10.99 -1.41 45.42
N ARG E 207 10.46 -1.28 44.21
CA ARG E 207 9.07 -1.63 43.98
C ARG E 207 8.87 -2.32 42.65
N CYS E 208 8.16 -3.44 42.70
CA CYS E 208 7.82 -4.17 41.50
C CYS E 208 6.35 -3.86 41.27
N GLN E 209 6.06 -3.33 40.09
CA GLN E 209 4.70 -2.93 39.74
C GLN E 209 4.20 -3.62 38.49
N VAL E 210 2.98 -4.12 38.55
CA VAL E 210 2.38 -4.80 37.42
C VAL E 210 1.03 -4.20 37.07
N GLN E 211 0.88 -3.68 35.85
CA GLN E 211 -0.44 -3.18 35.49
C GLN E 211 -1.11 -4.30 34.71
N PHE E 212 -2.35 -4.60 35.08
CA PHE E 212 -3.13 -5.66 34.47
C PHE E 212 -4.32 -5.04 33.74
N TYR E 213 -4.61 -5.54 32.55
CA TYR E 213 -5.73 -5.01 31.77
C TYR E 213 -6.77 -6.11 31.65
N GLY E 214 -7.89 -5.95 32.36
CA GLY E 214 -8.94 -6.94 32.32
C GLY E 214 -10.26 -6.40 31.80
N LEU E 215 -11.36 -6.69 32.50
CA LEU E 215 -12.66 -6.22 32.07
C LEU E 215 -12.76 -4.70 32.13
N SER E 216 -13.66 -4.14 31.33
CA SER E 216 -13.87 -2.69 31.31
C SER E 216 -15.11 -2.29 32.10
N GLU E 217 -15.36 -0.99 32.19
CA GLU E 217 -16.50 -0.49 32.94
C GLU E 217 -17.83 -1.00 32.41
N ASN E 218 -17.91 -1.13 31.08
CA ASN E 218 -19.11 -1.59 30.39
C ASN E 218 -19.45 -3.06 30.71
N ASP E 219 -18.44 -3.87 31.00
CA ASP E 219 -18.66 -5.27 31.29
C ASP E 219 -19.53 -5.52 32.53
N GLU E 220 -20.53 -6.37 32.37
CA GLU E 220 -21.43 -6.68 33.46
C GLU E 220 -20.78 -7.65 34.44
N TRP E 221 -21.05 -7.49 35.73
CA TRP E 221 -20.44 -8.37 36.72
C TRP E 221 -21.26 -8.50 38.00
N THR E 222 -21.57 -9.74 38.36
CA THR E 222 -22.36 -9.99 39.57
C THR E 222 -21.76 -11.09 40.44
N GLN E 223 -20.59 -11.63 40.06
CA GLN E 223 -19.97 -12.68 40.87
C GLN E 223 -19.54 -12.08 42.21
N ASP E 224 -19.27 -12.95 43.18
CA ASP E 224 -18.86 -12.51 44.50
C ASP E 224 -17.55 -11.74 44.56
N ARG E 225 -16.50 -12.28 43.93
CA ARG E 225 -15.20 -11.62 43.96
C ARG E 225 -15.24 -10.27 43.27
N ALA E 226 -14.18 -9.49 43.48
CA ALA E 226 -14.10 -8.17 42.88
C ALA E 226 -14.00 -8.27 41.37
N LYS E 227 -14.70 -7.37 40.67
CA LYS E 227 -14.66 -7.34 39.22
C LYS E 227 -13.19 -7.23 38.81
N PRO E 228 -12.72 -8.14 37.93
CA PRO E 228 -11.34 -8.17 37.43
C PRO E 228 -11.06 -7.05 36.44
N VAL E 229 -11.20 -5.81 36.89
CA VAL E 229 -10.96 -4.68 36.03
C VAL E 229 -9.47 -4.36 35.90
N THR E 230 -9.14 -3.54 34.91
CA THR E 230 -7.78 -3.11 34.70
C THR E 230 -7.35 -2.47 36.01
N GLN E 231 -6.12 -2.77 36.44
CA GLN E 231 -5.62 -2.26 37.72
C GLN E 231 -4.12 -2.47 37.88
N ILE E 232 -3.53 -1.69 38.78
CA ILE E 232 -2.11 -1.75 39.09
C ILE E 232 -1.89 -2.52 40.40
N VAL E 233 -1.10 -3.58 40.32
CA VAL E 233 -0.80 -4.39 41.50
C VAL E 233 0.71 -4.29 41.70
N SER E 234 1.16 -4.20 42.95
CA SER E 234 2.59 -4.08 43.23
C SER E 234 3.00 -4.59 44.60
N ALA E 235 4.31 -4.79 44.74
CA ALA E 235 4.91 -5.25 46.00
C ALA E 235 6.16 -4.38 46.14
N GLU E 236 6.66 -4.24 47.37
CA GLU E 236 7.84 -3.42 47.63
C GLU E 236 8.77 -4.04 48.67
N ALA E 237 9.92 -3.40 48.84
CA ALA E 237 10.92 -3.85 49.79
C ALA E 237 11.98 -2.77 49.95
N TRP E 238 12.57 -2.68 51.13
CA TRP E 238 13.61 -1.69 51.38
C TRP E 238 14.97 -2.36 51.52
N GLY E 239 16.03 -1.59 51.26
CA GLY E 239 17.37 -2.11 51.38
C GLY E 239 17.55 -2.67 52.77
N ARG E 240 18.45 -3.63 52.91
CA ARG E 240 18.68 -4.27 54.21
C ARG E 240 20.16 -4.24 54.60
N ALA E 241 20.45 -3.66 55.75
CA ALA E 241 21.82 -3.59 56.22
C ALA E 241 22.34 -4.98 56.57
C1 NAG F . -28.65 15.83 -19.21
C2 NAG F . -28.54 17.16 -18.51
C3 NAG F . -29.01 16.95 -17.08
C4 NAG F . -30.41 16.28 -17.02
C5 NAG F . -30.58 15.14 -18.06
C6 NAG F . -32.05 14.79 -18.31
C7 NAG F . -26.73 18.33 -19.59
C8 NAG F . -25.24 18.58 -19.68
N2 NAG F . -27.17 17.65 -18.54
O3 NAG F . -29.04 18.19 -16.39
O4 NAG F . -30.60 15.69 -15.72
O5 NAG F . -30.01 15.47 -19.34
O6 NAG F . -32.18 13.71 -19.21
O7 NAG F . -27.48 18.76 -20.46
C1 NDG F . -30.92 16.49 -14.64
C2 NDG F . -30.92 15.61 -13.37
C3 NDG F . -32.07 14.59 -13.42
C4 NDG F . -33.40 15.25 -13.76
C5 NDG F . -33.26 16.08 -15.03
C6 NDG F . -34.53 16.82 -15.42
C7 NDG F . -28.66 15.30 -12.55
C8 NDG F . -28.04 14.26 -11.62
O5 NDG F . -32.22 17.07 -14.85
O3 NDG F . -32.17 13.90 -12.18
O4 NDG F . -34.39 14.26 -13.94
O6 NDG F . -34.80 17.89 -14.53
O7 NDG F . -28.24 16.45 -12.56
N2 NDG F . -29.66 14.88 -13.32
C1 NAG G . -8.09 35.63 -3.63
C2 NAG G . -7.08 36.40 -4.47
C3 NAG G . -6.11 37.22 -3.61
C4 NAG G . -6.84 38.03 -2.55
C5 NAG G . -7.79 37.11 -1.77
C6 NAG G . -8.59 37.82 -0.69
C7 NAG G . -6.79 35.08 -6.48
C8 NAG G . -7.14 33.60 -6.62
N2 NAG G . -6.32 35.47 -5.30
O3 NAG G . -5.36 38.11 -4.44
O4 NAG G . -5.91 38.64 -1.65
O5 NAG G . -8.73 36.49 -2.68
O6 NAG G . -9.14 39.05 -1.16
O7 NAG G . -6.94 35.84 -7.42
C1 NAG H . 18.30 4.33 -31.42
C2 NAG H . 19.65 5.02 -31.65
C3 NAG H . 20.79 3.98 -31.72
C4 NAG H . 20.37 2.66 -31.04
C5 NAG H . 19.09 2.08 -31.69
C6 NAG H . 18.25 1.25 -30.72
C7 NAG H . 19.34 7.08 -32.87
C8 NAG H . 18.10 7.54 -33.60
N2 NAG H . 19.62 5.78 -32.89
O3 NAG H . 21.94 4.50 -31.07
O4 NAG H . 21.43 1.71 -31.15
O5 NAG H . 18.23 3.13 -32.20
O6 NAG H . 19.01 0.88 -29.56
O7 NAG H . 20.04 7.90 -32.27
#